data_8JHN
#
_entry.id   8JHN
#
loop_
_entity.id
_entity.type
_entity.pdbx_description
1 polymer 'G protein subunit alpha o1,Guanine nucleotide-binding protein G(o) subunit alpha'
2 polymer 'Guanine nucleotide-binding protein G(I)/G(S)/G(T) subunit beta-1'
3 polymer 'Hydroxycarboxylic acid receptor 2'
4 polymer 'Guanine nucleotide-binding protein G(I)/G(S)/G(O) subunit gamma-2'
5 polymer 'ScFv16 (Antibody)'
6 non-polymer 'Monomethyl fumarate'
#
loop_
_entity_poly.entity_id
_entity_poly.type
_entity_poly.pdbx_seq_one_letter_code
_entity_poly.pdbx_strand_id
1 'polypeptide(L)'
;MGHHHHHHENLYFQGTLSAEERAALERSKAIEKNLKEDGISAAKDVKLLLLGADNSGKSTIVKQMKIIHGGSGGSGGTTG
IVETHFTFKNLHFRLFDVGGQRSERKKWIHCFEDVTAIIFCVDLSDYNRMHESLMLFDSICNNKFFIDTSIILFLNKKDL
FGEKIKKSPLTICFPEYTGPNTYEDAAAYIQAQFESKNRSPNKEIYCHMTCATDTNNAQVIFDAVTDIIIANNLRGCGLY
;
A
2 'polypeptide(L)'
;MHHHHHHGSSGSELDQLRQEAEQLKNQIRDARKACADATLSQITNNIDPVGRIQMRTRRTLRGHLAKIYAMHWGTDSRLL
VSASQDGKLIIWDSYTTNKVHAIPLRSSWVMTCAYAPSGNYVACGGLDNICSIYNLKTREGNVRVSRELAGHTGYLSCCR
FLDDNQIVTSSGDTTCALWDIETGQQTTTFTGHTGDVMSLSLAPDTRLFVSGACDASAKLWDVREGMCRQTFTGHESDIN
AICFFPNGNAFATGSDDATCRLFDLRADQELMTYSHDNIICGITSVSFSKSGRLLLAGYDDFNCNVWDALKADRAGVLAG
HDNRVSCLGVTDDGMAVATGSWDSFLKIWN
;
B
3 'polypeptide(L)'
;MGKTIIALSYIFCLVFADYKDDDDAANFTPVNGSSGNQSVRLVTSSSLEVLFQGPGSNRHHLQDHFLEIDKKNCCVFRDD
FIVKVLPPVLGLEFIFGLLGNGLALWIFCFHLKSWKSSRIFLFNLAVADFLLIICLPFLMDNYVRRWDWKFGDIPCRLML
FMLAMNRQGSIIFLTVVAVDRYFRVVHPHHALNKISNRTAAIISCLLWGITIGLTVHLLKKKMPIQNGGANLCSSFSICH
TFQWHEAMFLLEFFLPLGIILFCSARIIWSLRQRQMDRHAKIKRAITFIMVVAIVFVICFLPSVVVRIRIFWLLHTSGTQ
NCEVYRSVDLAFFITLSFTYMNSMLDPVVYYFSSPSFPNFFSTLINRCLQRKMTGEPDNNRSTSVELTGDPNKTRGAPEA
LMANSGEPWSPSYLGPTSP
;
D
4 'polypeptide(L)' MASNNTASIAQARKLVEQLKMEANIDRIKVSKAAADLMAYCEAHAKEDPLLTPVPASENPFREKKFFCAIL G
5 'polypeptide(L)'
;DVQLVESGGGLVQPGGSRKLSCSASGFAFSSFGMHWVRQAPEKGLEWVAYISSGSGTIYYADTVKGRFTISRDDPKNTLF
LQMTSLRSEDTAMYYCVRSIYYYGSSPFDFWGQGTTLTVSSGGGGSGGGGSGGGGSDIVMTQATSSVPVTPGESVSISCR
SSKSLLHSNGNTYLYWFLQRPGQSPQLLIYRMSNLASGVPDRFSGSGSGTAFTLTISRLEAEDVGVYYCMQHLEYPLTFG
AGTKLELK
;
H
#
# COMPACT_ATOMS: atom_id res chain seq x y z
N SER A 18 -4.49 -26.10 -10.82
CA SER A 18 -4.81 -24.88 -11.56
C SER A 18 -5.80 -25.16 -12.69
N ALA A 19 -7.03 -25.50 -12.32
CA ALA A 19 -8.05 -25.80 -13.32
C ALA A 19 -8.54 -24.53 -14.00
N GLU A 20 -9.15 -23.63 -13.23
CA GLU A 20 -9.56 -22.33 -13.73
C GLU A 20 -8.95 -21.18 -12.92
N GLU A 21 -8.08 -21.49 -11.95
CA GLU A 21 -7.41 -20.44 -11.19
C GLU A 21 -6.46 -19.64 -12.06
N ARG A 22 -6.10 -20.15 -13.23
CA ARG A 22 -5.28 -19.37 -14.16
C ARG A 22 -6.04 -18.14 -14.63
N ALA A 23 -7.34 -18.27 -14.90
CA ALA A 23 -8.14 -17.11 -15.27
C ALA A 23 -8.25 -16.12 -14.10
N ALA A 24 -8.35 -16.62 -12.88
CA ALA A 24 -8.37 -15.75 -11.72
C ALA A 24 -7.05 -14.99 -11.60
N LEU A 25 -5.93 -15.67 -11.84
CA LEU A 25 -4.64 -15.00 -11.82
C LEU A 25 -4.53 -13.97 -12.92
N GLU A 26 -5.09 -14.27 -14.10
CA GLU A 26 -5.09 -13.29 -15.18
C GLU A 26 -5.89 -12.05 -14.81
N ARG A 27 -7.07 -12.24 -14.20
CA ARG A 27 -7.86 -11.10 -13.74
C ARG A 27 -7.12 -10.30 -12.68
N SER A 28 -6.46 -10.99 -11.75
CA SER A 28 -5.69 -10.31 -10.73
C SER A 28 -4.55 -9.49 -11.33
N LYS A 29 -3.85 -10.07 -12.32
CA LYS A 29 -2.79 -9.34 -12.99
C LYS A 29 -3.32 -8.12 -13.73
N ALA A 30 -4.46 -8.27 -14.40
CA ALA A 30 -5.04 -7.16 -15.13
C ALA A 30 -5.41 -6.01 -14.20
N ILE A 31 -6.08 -6.33 -13.09
CA ILE A 31 -6.48 -5.25 -12.18
C ILE A 31 -5.28 -4.67 -11.45
N GLU A 32 -4.25 -5.49 -11.18
CA GLU A 32 -3.02 -4.95 -10.61
C GLU A 32 -2.34 -3.98 -11.56
N LYS A 33 -2.30 -4.32 -12.85
CA LYS A 33 -1.75 -3.39 -13.84
C LYS A 33 -2.57 -2.12 -13.92
N ASN A 34 -3.90 -2.24 -13.83
CA ASN A 34 -4.75 -1.05 -13.84
C ASN A 34 -4.47 -0.17 -12.63
N LEU A 35 -4.32 -0.77 -11.45
CA LEU A 35 -4.00 0.01 -10.26
C LEU A 35 -2.63 0.66 -10.37
N LYS A 36 -1.65 -0.06 -10.94
CA LYS A 36 -0.32 0.52 -11.13
C LYS A 36 -0.37 1.72 -12.07
N GLU A 37 -1.11 1.58 -13.18
CA GLU A 37 -1.24 2.70 -14.12
C GLU A 37 -1.94 3.89 -13.47
N ASP A 38 -2.99 3.62 -12.68
CA ASP A 38 -3.68 4.70 -11.99
C ASP A 38 -2.74 5.40 -11.00
N GLY A 39 -1.95 4.62 -10.26
CA GLY A 39 -1.01 5.22 -9.33
C GLY A 39 0.04 6.06 -10.01
N ILE A 40 0.59 5.57 -11.12
CA ILE A 40 1.57 6.35 -11.87
C ILE A 40 0.95 7.63 -12.40
N SER A 41 -0.28 7.57 -12.92
CA SER A 41 -0.94 8.76 -13.43
C SER A 41 -1.21 9.76 -12.31
N ALA A 42 -1.62 9.29 -11.14
CA ALA A 42 -1.96 10.19 -10.04
C ALA A 42 -0.75 10.68 -9.27
N ALA A 43 0.41 10.05 -9.43
CA ALA A 43 1.60 10.49 -8.73
C ALA A 43 2.13 11.82 -9.26
N LYS A 44 1.74 12.22 -10.46
CA LYS A 44 2.22 13.47 -11.03
C LYS A 44 1.52 14.69 -10.46
N ASP A 45 0.38 14.52 -9.79
CA ASP A 45 -0.33 15.64 -9.19
C ASP A 45 0.26 15.99 -7.83
N VAL A 46 0.13 17.26 -7.47
CA VAL A 46 0.63 17.78 -6.21
C VAL A 46 -0.54 18.31 -5.40
N LYS A 47 -0.65 17.87 -4.15
CA LYS A 47 -1.76 18.21 -3.28
C LYS A 47 -1.37 19.34 -2.33
N LEU A 48 -2.27 20.30 -2.16
CA LEU A 48 -2.05 21.45 -1.28
C LEU A 48 -3.29 21.65 -0.43
N LEU A 49 -3.17 21.34 0.86
CA LEU A 49 -4.29 21.57 1.78
C LEU A 49 -4.46 23.07 2.01
N LEU A 50 -5.71 23.54 1.97
CA LEU A 50 -6.01 24.95 2.14
C LEU A 50 -6.80 25.13 3.43
N LEU A 51 -6.42 26.14 4.21
CA LEU A 51 -7.09 26.44 5.47
C LEU A 51 -7.43 27.92 5.56
N GLY A 52 -7.87 28.37 6.73
CA GLY A 52 -8.16 29.77 6.92
C GLY A 52 -9.47 30.02 7.65
N ALA A 53 -9.75 31.29 7.96
CA ALA A 53 -10.98 31.65 8.64
C ALA A 53 -12.14 31.71 7.65
N ASP A 54 -13.34 31.90 8.20
CA ASP A 54 -14.52 32.05 7.36
C ASP A 54 -14.51 33.40 6.66
N ASN A 55 -14.76 33.39 5.35
CA ASN A 55 -14.72 34.60 4.53
C ASN A 55 -13.37 35.31 4.66
N SER A 56 -12.30 34.51 4.70
CA SER A 56 -10.94 35.02 4.86
C SER A 56 -10.19 35.13 3.55
N GLY A 57 -10.88 35.03 2.42
CA GLY A 57 -10.25 35.12 1.12
C GLY A 57 -9.92 33.81 0.46
N LYS A 58 -10.37 32.68 1.02
CA LYS A 58 -10.18 31.39 0.34
C LYS A 58 -10.96 31.36 -0.96
N SER A 59 -12.20 31.85 -0.95
CA SER A 59 -13.06 31.76 -2.12
C SER A 59 -12.52 32.57 -3.29
N THR A 60 -11.98 33.75 -3.02
CA THR A 60 -11.50 34.61 -4.11
C THR A 60 -10.29 33.99 -4.80
N ILE A 61 -9.42 33.32 -4.04
CA ILE A 61 -8.27 32.67 -4.67
C ILE A 61 -8.68 31.35 -5.33
N VAL A 62 -9.73 30.71 -4.82
CA VAL A 62 -10.28 29.55 -5.53
C VAL A 62 -10.83 29.97 -6.89
N LYS A 63 -11.54 31.10 -6.92
CA LYS A 63 -12.07 31.63 -8.18
C LYS A 63 -10.99 32.18 -9.10
N GLN A 64 -9.88 32.68 -8.55
CA GLN A 64 -8.82 33.22 -9.38
C GLN A 64 -8.20 32.14 -10.27
N MET A 65 -8.00 30.95 -9.72
CA MET A 65 -7.52 29.82 -10.49
C MET A 65 -8.63 28.87 -10.93
N THR A 79 -21.82 19.35 1.04
CA THR A 79 -21.64 19.87 2.40
C THR A 79 -20.40 19.29 3.05
N GLY A 80 -19.66 18.49 2.30
CA GLY A 80 -18.45 17.85 2.77
C GLY A 80 -17.20 18.59 2.36
N ILE A 81 -16.11 17.84 2.23
CA ILE A 81 -14.85 18.41 1.79
C ILE A 81 -14.99 18.90 0.35
N VAL A 82 -14.40 20.05 0.06
CA VAL A 82 -14.48 20.68 -1.25
C VAL A 82 -13.11 20.56 -1.91
N GLU A 83 -13.05 19.94 -3.08
CA GLU A 83 -11.81 19.72 -3.80
C GLU A 83 -11.76 20.61 -5.02
N THR A 84 -10.68 21.38 -5.14
CA THR A 84 -10.46 22.28 -6.27
C THR A 84 -9.17 21.88 -6.96
N HIS A 85 -9.22 21.76 -8.29
CA HIS A 85 -8.06 21.38 -9.07
C HIS A 85 -7.82 22.38 -10.19
N PHE A 86 -6.57 22.84 -10.31
CA PHE A 86 -6.18 23.70 -11.41
C PHE A 86 -4.80 23.26 -11.88
N THR A 87 -4.55 23.42 -13.18
CA THR A 87 -3.32 22.97 -13.81
C THR A 87 -2.56 24.17 -14.33
N PHE A 88 -1.26 24.21 -14.04
CA PHE A 88 -0.41 25.31 -14.47
C PHE A 88 1.01 24.79 -14.66
N LYS A 89 1.60 25.08 -15.82
CA LYS A 89 2.96 24.67 -16.16
C LYS A 89 3.15 23.17 -15.99
N ASN A 90 2.17 22.41 -16.48
CA ASN A 90 2.19 20.94 -16.50
C ASN A 90 2.22 20.34 -15.10
N LEU A 91 1.68 21.04 -14.11
CA LEU A 91 1.51 20.50 -12.77
C LEU A 91 0.02 20.49 -12.43
N HIS A 92 -0.48 19.34 -12.00
CA HIS A 92 -1.88 19.20 -11.61
C HIS A 92 -1.98 19.50 -10.13
N PHE A 93 -2.38 20.72 -9.79
CA PHE A 93 -2.47 21.16 -8.41
C PHE A 93 -3.84 20.80 -7.86
N ARG A 94 -3.87 20.01 -6.79
CA ARG A 94 -5.11 19.66 -6.10
C ARG A 94 -5.21 20.49 -4.83
N LEU A 95 -6.32 21.20 -4.68
CA LEU A 95 -6.52 22.13 -3.58
C LEU A 95 -7.78 21.73 -2.82
N PHE A 96 -7.63 21.48 -1.52
CA PHE A 96 -8.73 21.04 -0.68
C PHE A 96 -9.08 22.12 0.32
N ASP A 97 -10.35 22.54 0.32
CA ASP A 97 -10.89 23.45 1.32
C ASP A 97 -11.69 22.63 2.33
N VAL A 98 -11.03 22.26 3.43
CA VAL A 98 -11.63 21.39 4.44
C VAL A 98 -12.31 22.21 5.53
N GLY A 99 -12.41 23.53 5.36
CA GLY A 99 -13.02 24.38 6.36
C GLY A 99 -14.49 24.12 6.60
N GLY A 100 -15.16 23.37 5.72
CA GLY A 100 -16.55 23.04 5.90
C GLY A 100 -16.83 21.88 6.83
N GLN A 101 -15.79 21.29 7.41
CA GLN A 101 -15.96 20.17 8.33
C GLN A 101 -16.28 20.73 9.72
N ARG A 102 -17.55 20.67 10.10
CA ARG A 102 -18.00 21.20 11.39
C ARG A 102 -17.89 20.10 12.46
N SER A 103 -16.64 19.77 12.78
CA SER A 103 -16.34 18.75 13.78
C SER A 103 -14.96 19.04 14.36
N GLU A 104 -14.46 18.11 15.18
CA GLU A 104 -13.14 18.27 15.78
C GLU A 104 -12.06 18.07 14.73
N ARG A 105 -11.11 19.01 14.71
CA ARG A 105 -10.03 18.94 13.72
C ARG A 105 -9.06 17.81 14.02
N LYS A 106 -8.93 17.42 15.29
CA LYS A 106 -7.91 16.45 15.68
C LYS A 106 -8.17 15.07 15.10
N LYS A 107 -9.43 14.69 14.94
CA LYS A 107 -9.77 13.31 14.59
C LYS A 107 -9.64 13.00 13.11
N TRP A 108 -9.52 14.00 12.25
CA TRP A 108 -9.38 13.76 10.81
C TRP A 108 -8.19 14.47 10.18
N ILE A 109 -7.38 15.18 10.96
CA ILE A 109 -6.24 15.88 10.39
C ILE A 109 -5.15 14.93 9.94
N HIS A 110 -5.20 13.65 10.36
CA HIS A 110 -4.20 12.69 9.93
C HIS A 110 -4.38 12.25 8.48
N CYS A 111 -5.54 12.54 7.87
CA CYS A 111 -5.75 12.18 6.48
C CYS A 111 -4.83 12.97 5.55
N PHE A 112 -4.55 14.22 5.88
CA PHE A 112 -3.71 15.09 5.06
C PHE A 112 -2.26 15.13 5.55
N GLU A 113 -1.77 14.02 6.11
CA GLU A 113 -0.40 13.99 6.60
C GLU A 113 0.61 14.03 5.45
N ASP A 114 0.24 13.48 4.29
CA ASP A 114 1.14 13.40 3.15
C ASP A 114 1.00 14.56 2.19
N VAL A 115 0.48 15.69 2.65
CA VAL A 115 0.30 16.85 1.78
C VAL A 115 1.65 17.52 1.55
N THR A 116 1.84 18.06 0.34
CA THR A 116 3.10 18.71 0.00
C THR A 116 3.27 20.03 0.75
N ALA A 117 2.22 20.83 0.79
CA ALA A 117 2.29 22.14 1.45
C ALA A 117 0.90 22.52 1.93
N ILE A 118 0.87 23.46 2.88
CA ILE A 118 -0.38 23.94 3.47
C ILE A 118 -0.51 25.42 3.14
N ILE A 119 -1.60 25.78 2.48
CA ILE A 119 -1.87 27.17 2.13
C ILE A 119 -2.74 27.78 3.23
N PHE A 120 -2.30 28.90 3.78
CA PHE A 120 -3.02 29.61 4.83
C PHE A 120 -3.49 30.95 4.29
N CYS A 121 -4.75 31.28 4.57
CA CYS A 121 -5.35 32.55 4.13
C CYS A 121 -5.77 33.35 5.34
N VAL A 122 -5.41 34.62 5.36
CA VAL A 122 -5.72 35.52 6.47
C VAL A 122 -6.44 36.75 5.91
N ASP A 123 -7.57 37.10 6.52
CA ASP A 123 -8.32 38.28 6.15
C ASP A 123 -7.80 39.48 6.94
N LEU A 124 -7.33 40.50 6.23
CA LEU A 124 -6.82 41.71 6.87
C LEU A 124 -7.88 42.79 7.01
N SER A 125 -9.13 42.51 6.65
CA SER A 125 -10.19 43.50 6.78
C SER A 125 -10.68 43.67 8.20
N ASP A 126 -10.30 42.78 9.11
CA ASP A 126 -10.74 42.87 10.50
C ASP A 126 -9.57 43.22 11.43
N HIS A 131 -8.19 37.94 16.04
CA HIS A 131 -7.05 37.13 16.47
C HIS A 131 -7.37 35.64 16.34
N GLU A 132 -8.56 35.34 15.82
CA GLU A 132 -8.95 33.95 15.63
C GLU A 132 -8.06 33.24 14.62
N SER A 133 -7.69 33.94 13.54
CA SER A 133 -6.80 33.35 12.54
C SER A 133 -5.43 33.08 13.14
N LEU A 134 -4.95 33.98 14.01
CA LEU A 134 -3.67 33.75 14.67
C LEU A 134 -3.71 32.49 15.53
N MET A 135 -4.80 32.31 16.29
CA MET A 135 -4.94 31.12 17.11
C MET A 135 -5.01 29.86 16.25
N LEU A 136 -5.74 29.92 15.13
CA LEU A 136 -5.82 28.75 14.26
C LEU A 136 -4.46 28.42 13.66
N PHE A 137 -3.70 29.44 13.26
CA PHE A 137 -2.36 29.21 12.73
C PHE A 137 -1.45 28.60 13.78
N ASP A 138 -1.54 29.10 15.02
CA ASP A 138 -0.72 28.54 16.10
C ASP A 138 -1.09 27.08 16.35
N SER A 139 -2.38 26.76 16.33
CA SER A 139 -2.82 25.39 16.56
C SER A 139 -2.35 24.47 15.44
N ILE A 140 -2.43 24.93 14.19
CA ILE A 140 -2.09 24.05 13.06
C ILE A 140 -0.58 23.95 12.84
N CYS A 141 0.20 24.91 13.33
CA CYS A 141 1.64 24.90 13.06
C CYS A 141 2.38 23.87 13.91
N ASN A 142 1.96 23.68 15.16
CA ASN A 142 2.67 22.82 16.10
C ASN A 142 2.07 21.43 16.21
N ASN A 143 1.14 21.07 15.33
CA ASN A 143 0.55 19.74 15.37
C ASN A 143 1.58 18.69 15.01
N LYS A 144 1.39 17.48 15.56
CA LYS A 144 2.38 16.43 15.40
C LYS A 144 2.45 15.92 13.97
N PHE A 145 1.37 16.06 13.20
CA PHE A 145 1.34 15.57 11.83
C PHE A 145 1.82 16.60 10.81
N PHE A 146 2.06 17.84 11.23
CA PHE A 146 2.50 18.91 10.34
C PHE A 146 3.81 19.52 10.81
N ILE A 147 4.74 18.69 11.29
CA ILE A 147 5.99 19.20 11.82
C ILE A 147 7.04 19.41 10.74
N ASP A 148 6.89 18.77 9.58
CA ASP A 148 7.87 18.85 8.51
C ASP A 148 7.32 19.44 7.23
N THR A 149 6.05 19.84 7.19
CA THR A 149 5.44 20.41 6.00
C THR A 149 5.38 21.93 6.15
N SER A 150 6.05 22.63 5.24
CA SER A 150 6.06 24.09 5.29
C SER A 150 4.68 24.65 4.98
N ILE A 151 4.34 25.74 5.64
CA ILE A 151 3.03 26.37 5.52
C ILE A 151 3.17 27.67 4.76
N ILE A 152 2.49 27.76 3.62
CA ILE A 152 2.47 28.99 2.83
C ILE A 152 1.36 29.88 3.38
N LEU A 153 1.71 31.11 3.74
CA LEU A 153 0.77 32.05 4.32
C LEU A 153 0.42 33.12 3.30
N PHE A 154 -0.86 33.24 2.98
CA PHE A 154 -1.35 34.20 1.99
C PHE A 154 -2.18 35.27 2.70
N LEU A 155 -1.82 36.53 2.46
CA LEU A 155 -2.52 37.66 3.05
C LEU A 155 -3.43 38.29 1.98
N ASN A 156 -4.73 38.24 2.22
CA ASN A 156 -5.72 38.78 1.29
C ASN A 156 -6.22 40.14 1.79
N LYS A 157 -6.98 40.80 0.93
CA LYS A 157 -7.60 42.10 1.26
C LYS A 157 -6.57 43.13 1.71
N LYS A 158 -5.46 43.20 0.98
CA LYS A 158 -4.42 44.17 1.32
C LYS A 158 -4.92 45.60 1.17
N ASP A 159 -5.65 45.89 0.10
CA ASP A 159 -6.16 47.23 -0.12
C ASP A 159 -7.15 47.64 0.95
N LEU A 160 -8.04 46.73 1.36
CA LEU A 160 -8.99 47.04 2.42
C LEU A 160 -8.28 47.34 3.73
N PHE A 161 -7.24 46.57 4.05
CA PHE A 161 -6.48 46.83 5.27
C PHE A 161 -5.76 48.17 5.18
N GLY A 162 -5.20 48.49 4.01
CA GLY A 162 -4.55 49.78 3.85
C GLY A 162 -5.52 50.94 3.98
N GLU A 163 -6.76 50.75 3.52
CA GLU A 163 -7.77 51.78 3.69
C GLU A 163 -8.18 51.93 5.14
N LYS A 164 -8.38 50.81 5.84
CA LYS A 164 -8.83 50.86 7.23
C LYS A 164 -7.76 51.42 8.15
N ILE A 165 -6.49 51.10 7.87
CA ILE A 165 -5.41 51.56 8.74
C ILE A 165 -5.24 53.07 8.63
N LYS A 166 -5.73 53.68 7.55
CA LYS A 166 -5.64 55.13 7.40
C LYS A 166 -6.54 55.86 8.38
N LYS A 167 -7.54 55.18 8.95
CA LYS A 167 -8.45 55.80 9.91
C LYS A 167 -8.45 55.12 11.27
N SER A 168 -8.29 53.80 11.33
CA SER A 168 -8.28 53.07 12.59
C SER A 168 -6.88 52.54 12.86
N PRO A 169 -6.26 52.88 13.98
CA PRO A 169 -4.91 52.39 14.26
C PRO A 169 -4.88 50.88 14.44
N LEU A 170 -3.72 50.29 14.14
CA LEU A 170 -3.55 48.85 14.25
C LEU A 170 -3.62 48.36 15.69
N THR A 171 -3.55 49.26 16.68
CA THR A 171 -3.66 48.86 18.07
C THR A 171 -5.06 48.36 18.41
N ILE A 172 -6.06 48.69 17.59
CA ILE A 172 -7.42 48.22 17.86
C ILE A 172 -7.49 46.70 17.79
N CYS A 173 -6.96 46.13 16.69
CA CYS A 173 -6.95 44.67 16.57
C CYS A 173 -5.88 44.05 17.47
N PHE A 174 -4.70 44.66 17.51
CA PHE A 174 -3.57 44.13 18.28
C PHE A 174 -3.09 45.19 19.26
N PRO A 175 -3.54 45.15 20.52
CA PRO A 175 -3.19 46.22 21.46
C PRO A 175 -1.70 46.35 21.76
N GLU A 176 -0.90 45.31 21.53
CA GLU A 176 0.51 45.35 21.84
C GLU A 176 1.33 46.13 20.83
N TYR A 177 0.74 46.55 19.72
CA TYR A 177 1.49 47.27 18.70
C TYR A 177 1.86 48.67 19.20
N THR A 178 3.05 49.13 18.80
CA THR A 178 3.51 50.47 19.15
C THR A 178 4.43 50.93 18.02
N GLY A 179 3.91 51.77 17.13
CA GLY A 179 4.68 52.26 16.01
C GLY A 179 3.88 53.22 15.15
N PRO A 180 4.50 53.72 14.08
CA PRO A 180 3.80 54.64 13.17
C PRO A 180 2.58 53.98 12.55
N ASN A 181 1.55 54.78 12.29
CA ASN A 181 0.29 54.30 11.75
C ASN A 181 0.30 54.41 10.23
N THR A 182 1.01 53.47 9.60
CA THR A 182 1.09 53.39 8.15
C THR A 182 1.05 51.93 7.71
N TYR A 183 0.76 51.74 6.43
CA TYR A 183 0.65 50.40 5.87
C TYR A 183 1.97 49.64 5.96
N GLU A 184 3.07 50.31 5.62
CA GLU A 184 4.34 49.61 5.41
C GLU A 184 4.82 48.90 6.68
N ASP A 185 4.72 49.57 7.83
CA ASP A 185 5.22 48.95 9.05
C ASP A 185 4.17 48.09 9.74
N ALA A 186 2.88 48.43 9.58
CA ALA A 186 1.83 47.59 10.15
C ALA A 186 1.80 46.23 9.50
N ALA A 187 1.95 46.18 8.17
CA ALA A 187 1.99 44.90 7.48
C ALA A 187 3.20 44.08 7.92
N ALA A 188 4.35 44.74 8.08
CA ALA A 188 5.54 44.03 8.55
C ALA A 188 5.35 43.51 9.97
N TYR A 189 4.66 44.28 10.82
CA TYR A 189 4.40 43.83 12.18
C TYR A 189 3.49 42.61 12.18
N ILE A 190 2.45 42.61 11.34
CA ILE A 190 1.57 41.46 11.25
C ILE A 190 2.35 40.24 10.75
N GLN A 191 3.20 40.45 9.74
CA GLN A 191 4.10 39.40 9.26
C GLN A 191 4.94 38.82 10.40
N ALA A 192 5.56 39.70 11.19
CA ALA A 192 6.44 39.24 12.27
C ALA A 192 5.66 38.46 13.32
N GLN A 193 4.46 38.94 13.67
CA GLN A 193 3.69 38.24 14.69
C GLN A 193 3.20 36.89 14.18
N PHE A 194 2.87 36.78 12.90
CA PHE A 194 2.49 35.49 12.35
C PHE A 194 3.69 34.54 12.32
N GLU A 195 4.87 35.06 12.00
CA GLU A 195 6.08 34.23 12.03
C GLU A 195 6.41 33.77 13.44
N SER A 196 6.17 34.61 14.45
CA SER A 196 6.55 34.29 15.82
C SER A 196 5.80 33.09 16.40
N LYS A 197 4.71 32.65 15.76
CA LYS A 197 3.92 31.56 16.29
C LYS A 197 4.50 30.18 15.99
N ASN A 198 5.52 30.09 15.15
CA ASN A 198 6.11 28.79 14.83
C ASN A 198 7.21 28.43 15.84
N ARG A 199 7.49 27.14 15.93
CA ARG A 199 8.55 26.65 16.81
C ARG A 199 9.47 25.64 16.15
N SER A 200 9.05 24.96 15.09
CA SER A 200 9.91 24.00 14.42
C SER A 200 10.90 24.73 13.52
N PRO A 201 12.19 24.40 13.57
CA PRO A 201 13.15 25.04 12.66
C PRO A 201 13.30 24.33 11.33
N ASN A 202 12.61 23.21 11.11
CA ASN A 202 12.67 22.47 9.86
C ASN A 202 11.59 22.88 8.87
N LYS A 203 10.77 23.87 9.21
CA LYS A 203 9.71 24.35 8.35
C LYS A 203 9.87 25.86 8.13
N GLU A 204 9.46 26.32 6.96
CA GLU A 204 9.55 27.73 6.60
C GLU A 204 8.20 28.23 6.13
N ILE A 205 7.96 29.52 6.32
CA ILE A 205 6.68 30.14 6.01
C ILE A 205 6.92 31.12 4.87
N TYR A 206 6.34 30.83 3.70
CA TYR A 206 6.56 31.64 2.50
C TYR A 206 5.42 32.66 2.39
N CYS A 207 5.56 33.74 3.16
CA CYS A 207 4.52 34.76 3.19
C CYS A 207 4.56 35.61 1.92
N HIS A 208 3.40 35.75 1.28
CA HIS A 208 3.24 36.69 0.19
C HIS A 208 1.91 37.41 0.38
N MET A 209 1.83 38.61 -0.19
CA MET A 209 0.70 39.51 0.01
C MET A 209 -0.09 39.64 -1.28
N THR A 210 -1.39 39.43 -1.19
CA THR A 210 -2.28 39.47 -2.36
C THR A 210 -3.27 40.60 -2.21
N CYS A 211 -3.66 41.17 -3.35
CA CYS A 211 -4.62 42.27 -3.40
C CYS A 211 -6.03 41.82 -3.77
N ALA A 212 -6.27 40.51 -3.78
CA ALA A 212 -7.56 39.88 -4.10
C ALA A 212 -8.02 40.13 -5.52
N THR A 213 -7.19 40.74 -6.38
CA THR A 213 -7.55 40.99 -7.76
C THR A 213 -6.46 40.60 -8.76
N ASP A 214 -5.23 40.40 -8.32
CA ASP A 214 -4.14 40.03 -9.22
C ASP A 214 -4.24 38.56 -9.61
N THR A 215 -3.71 38.25 -10.79
CA THR A 215 -3.69 36.88 -11.30
C THR A 215 -2.33 36.21 -11.13
N ASN A 216 -1.43 36.82 -10.37
CA ASN A 216 -0.09 36.28 -10.18
C ASN A 216 -0.02 35.26 -9.05
N ASN A 217 -1.13 34.95 -8.39
CA ASN A 217 -1.10 34.04 -7.25
C ASN A 217 -0.67 32.63 -7.68
N ALA A 218 -1.12 32.19 -8.86
CA ALA A 218 -0.75 30.86 -9.32
C ALA A 218 0.75 30.72 -9.50
N GLN A 219 1.40 31.75 -10.05
CA GLN A 219 2.85 31.72 -10.22
C GLN A 219 3.56 31.63 -8.88
N VAL A 220 3.10 32.40 -7.89
CA VAL A 220 3.69 32.34 -6.57
C VAL A 220 3.53 30.97 -5.96
N ILE A 221 2.34 30.38 -6.07
CA ILE A 221 2.11 29.05 -5.52
C ILE A 221 2.99 28.03 -6.19
N PHE A 222 3.13 28.12 -7.52
CA PHE A 222 3.97 27.17 -8.24
C PHE A 222 5.42 27.29 -7.82
N ASP A 223 5.93 28.51 -7.67
CA ASP A 223 7.31 28.68 -7.25
C ASP A 223 7.53 28.16 -5.83
N ALA A 224 6.59 28.42 -4.93
CA ALA A 224 6.70 27.89 -3.57
C ALA A 224 6.70 26.37 -3.57
N VAL A 225 5.83 25.77 -4.38
CA VAL A 225 5.76 24.31 -4.44
C VAL A 225 7.06 23.73 -5.00
N THR A 226 7.63 24.36 -6.02
CA THR A 226 8.92 23.91 -6.54
C THR A 226 10.00 24.02 -5.49
N ASP A 227 10.01 25.12 -4.73
CA ASP A 227 10.99 25.27 -3.66
C ASP A 227 10.85 24.16 -2.63
N ILE A 228 9.63 23.86 -2.20
CA ILE A 228 9.41 22.81 -1.21
C ILE A 228 9.80 21.45 -1.77
N ILE A 229 9.51 21.22 -3.05
CA ILE A 229 9.82 19.94 -3.67
C ILE A 229 11.32 19.72 -3.73
N ILE A 230 12.08 20.74 -4.14
CA ILE A 230 13.53 20.56 -4.21
C ILE A 230 14.13 20.47 -2.81
N ALA A 231 13.53 21.15 -1.83
CA ALA A 231 13.98 20.99 -0.44
C ALA A 231 13.77 19.55 0.03
N ASN A 232 12.62 18.97 -0.29
CA ASN A 232 12.36 17.59 0.08
C ASN A 232 13.30 16.63 -0.64
N ASN A 233 13.60 16.92 -1.91
CA ASN A 233 14.54 16.09 -2.66
C ASN A 233 15.93 16.15 -2.04
N LEU A 234 16.37 17.34 -1.63
CA LEU A 234 17.65 17.45 -0.93
C LEU A 234 17.62 16.72 0.39
N ARG A 235 16.48 16.74 1.08
CA ARG A 235 16.34 15.96 2.31
C ARG A 235 16.52 14.47 2.03
N GLY A 236 15.92 13.97 0.95
CA GLY A 236 15.97 12.56 0.62
C GLY A 236 17.36 12.06 0.29
N CYS A 237 18.23 12.93 -0.21
CA CYS A 237 19.61 12.55 -0.52
C CYS A 237 20.52 12.61 0.70
N GLY A 238 19.99 12.97 1.87
CA GLY A 238 20.82 13.08 3.06
C GLY A 238 21.88 14.16 2.96
N LEU A 239 21.51 15.32 2.41
CA LEU A 239 22.47 16.41 2.20
C LEU A 239 21.99 17.74 2.75
N TYR A 240 20.69 17.96 2.90
CA TYR A 240 20.19 19.21 3.46
C TYR A 240 19.84 19.06 4.93
N GLU B 13 -34.83 27.30 38.15
CA GLU B 13 -35.36 26.00 37.79
C GLU B 13 -34.28 25.08 37.25
N LEU B 14 -33.35 25.65 36.47
CA LEU B 14 -32.26 24.87 35.92
C LEU B 14 -31.31 24.38 37.01
N ASP B 15 -31.15 25.16 38.08
CA ASP B 15 -30.29 24.72 39.19
C ASP B 15 -30.86 23.47 39.86
N GLN B 16 -32.18 23.42 40.03
CA GLN B 16 -32.80 22.24 40.62
C GLN B 16 -32.60 21.02 39.73
N LEU B 17 -32.74 21.20 38.42
CA LEU B 17 -32.52 20.08 37.50
C LEU B 17 -31.07 19.61 37.53
N ARG B 18 -30.13 20.55 37.59
CA ARG B 18 -28.72 20.18 37.70
C ARG B 18 -28.45 19.42 39.00
N GLN B 19 -29.04 19.87 40.10
CA GLN B 19 -28.87 19.17 41.37
C GLN B 19 -29.47 17.77 41.30
N GLU B 20 -30.63 17.63 40.67
CA GLU B 20 -31.24 16.30 40.52
C GLU B 20 -30.36 15.40 39.67
N ALA B 21 -29.78 15.94 38.60
CA ALA B 21 -28.87 15.15 37.77
C ALA B 21 -27.63 14.72 38.56
N GLU B 22 -27.09 15.62 39.39
CA GLU B 22 -25.94 15.27 40.22
C GLU B 22 -26.31 14.17 41.22
N GLN B 23 -27.50 14.28 41.82
CA GLN B 23 -27.95 13.24 42.74
C GLN B 23 -28.12 11.90 42.03
N LEU B 24 -28.66 11.92 40.81
CA LEU B 24 -28.79 10.69 40.04
C LEU B 24 -27.43 10.08 39.71
N LYS B 25 -26.46 10.92 39.36
CA LYS B 25 -25.12 10.42 39.08
C LYS B 25 -24.47 9.83 40.34
N ASN B 26 -24.69 10.47 41.49
CA ASN B 26 -24.19 9.92 42.74
C ASN B 26 -24.85 8.58 43.06
N GLN B 27 -26.15 8.46 42.79
CA GLN B 27 -26.84 7.20 42.97
C GLN B 27 -26.27 6.12 42.05
N ILE B 28 -25.96 6.48 40.80
CA ILE B 28 -25.34 5.55 39.87
C ILE B 28 -23.99 5.09 40.41
N ARG B 29 -23.18 6.03 40.90
CA ARG B 29 -21.87 5.66 41.45
C ARG B 29 -22.01 4.73 42.65
N ASP B 30 -22.95 5.03 43.55
CA ASP B 30 -23.13 4.20 44.73
C ASP B 30 -23.61 2.80 44.34
N ALA B 31 -24.53 2.72 43.38
CA ALA B 31 -25.02 1.41 42.93
C ALA B 31 -23.91 0.61 42.26
N ARG B 32 -23.09 1.26 41.45
CA ARG B 32 -21.98 0.56 40.79
C ARG B 32 -20.97 0.08 41.81
N LYS B 33 -20.66 0.89 42.82
CA LYS B 33 -19.69 0.49 43.84
C LYS B 33 -20.23 -0.62 44.73
N ALA B 34 -21.55 -0.61 44.99
CA ALA B 34 -22.13 -1.60 45.90
C ALA B 34 -22.06 -3.00 45.33
N CYS B 35 -22.07 -3.14 44.01
CA CYS B 35 -22.03 -4.45 43.37
C CYS B 35 -20.63 -5.00 43.20
N ALA B 36 -19.60 -4.20 43.43
CA ALA B 36 -18.21 -4.62 43.23
C ALA B 36 -17.70 -5.31 44.49
N ASP B 37 -18.08 -6.59 44.63
CA ASP B 37 -17.61 -7.36 45.78
C ASP B 37 -16.13 -7.73 45.63
N ALA B 38 -15.70 -8.03 44.41
CA ALA B 38 -14.34 -8.50 44.16
C ALA B 38 -13.88 -7.95 42.82
N THR B 39 -12.72 -8.43 42.36
CA THR B 39 -12.15 -8.02 41.09
C THR B 39 -11.97 -9.24 40.19
N LEU B 40 -11.82 -8.98 38.89
CA LEU B 40 -11.62 -10.05 37.94
C LEU B 40 -10.25 -10.72 38.11
N SER B 41 -9.24 -9.93 38.49
CA SER B 41 -7.88 -10.48 38.58
C SER B 41 -7.76 -11.55 39.65
N GLN B 42 -8.33 -11.29 40.83
CA GLN B 42 -8.23 -12.26 41.92
C GLN B 42 -9.17 -13.44 41.74
N ILE B 43 -10.04 -13.41 40.74
CA ILE B 43 -10.81 -14.60 40.36
C ILE B 43 -10.09 -15.41 39.30
N THR B 44 -9.45 -14.73 38.34
CA THR B 44 -8.73 -15.40 37.27
C THR B 44 -7.33 -15.84 37.67
N ASN B 45 -6.86 -15.45 38.86
CA ASN B 45 -5.53 -15.85 39.31
C ASN B 45 -5.37 -17.37 39.40
N ASN B 46 -6.47 -18.11 39.51
CA ASN B 46 -6.41 -19.56 39.63
C ASN B 46 -6.30 -20.27 38.29
N ILE B 47 -6.28 -19.53 37.17
CA ILE B 47 -6.23 -20.12 35.84
C ILE B 47 -4.80 -20.18 35.36
N ASP B 48 -4.48 -21.25 34.63
CA ASP B 48 -3.16 -21.42 34.04
C ASP B 48 -2.97 -20.36 32.94
N PRO B 49 -1.92 -19.55 33.01
CA PRO B 49 -1.69 -18.56 31.95
C PRO B 49 -1.43 -19.22 30.62
N VAL B 50 -1.84 -18.54 29.54
CA VAL B 50 -1.64 -19.06 28.20
C VAL B 50 -0.15 -19.15 27.85
N GLY B 51 0.67 -18.34 28.50
CA GLY B 51 2.08 -18.31 28.17
C GLY B 51 2.35 -17.55 26.90
N ARG B 52 3.57 -17.70 26.40
CA ARG B 52 3.97 -17.01 25.18
C ARG B 52 3.20 -17.54 23.99
N ILE B 53 2.64 -16.64 23.20
CA ILE B 53 1.90 -16.97 21.98
C ILE B 53 2.64 -16.32 20.82
N GLN B 54 3.11 -17.13 19.88
CA GLN B 54 3.88 -16.66 18.74
C GLN B 54 3.13 -16.95 17.45
N MET B 55 3.04 -15.95 16.58
CA MET B 55 2.45 -16.11 15.26
C MET B 55 3.29 -15.36 14.23
N ARG B 56 3.27 -15.86 13.00
CA ARG B 56 4.15 -15.38 11.95
C ARG B 56 3.32 -14.81 10.80
N THR B 57 3.98 -14.01 9.97
CA THR B 57 3.33 -13.36 8.83
C THR B 57 3.09 -14.41 7.75
N ARG B 58 1.89 -14.99 7.74
CA ARG B 58 1.57 -16.01 6.74
C ARG B 58 1.39 -15.41 5.36
N ARG B 59 0.71 -14.27 5.27
CA ARG B 59 0.42 -13.63 4.00
C ARG B 59 0.75 -12.14 4.07
N THR B 60 0.89 -11.53 2.90
CA THR B 60 1.12 -10.09 2.79
C THR B 60 0.40 -9.61 1.54
N LEU B 61 -0.73 -8.93 1.73
CA LEU B 61 -1.57 -8.49 0.61
C LEU B 61 -1.02 -7.18 0.05
N ARG B 62 0.04 -7.32 -0.76
CA ARG B 62 0.63 -6.17 -1.41
C ARG B 62 -0.26 -5.67 -2.53
N GLY B 63 -0.17 -4.37 -2.82
CA GLY B 63 -0.93 -3.79 -3.92
C GLY B 63 -1.46 -2.40 -3.64
N HIS B 64 -1.66 -2.06 -2.37
CA HIS B 64 -2.14 -0.74 -2.02
C HIS B 64 -1.04 0.30 -2.21
N LEU B 65 -1.45 1.51 -2.58
CA LEU B 65 -0.52 2.60 -2.83
C LEU B 65 -0.77 3.80 -1.92
N ALA B 66 -1.45 3.59 -0.80
CA ALA B 66 -1.77 4.68 0.12
C ALA B 66 -2.00 4.08 1.50
N LYS B 67 -2.37 4.95 2.44
CA LYS B 67 -2.60 4.51 3.82
C LYS B 67 -3.89 3.71 3.91
N ILE B 68 -3.80 2.55 4.57
CA ILE B 68 -4.94 1.65 4.74
C ILE B 68 -5.66 2.02 6.03
N TYR B 69 -6.99 2.18 5.96
CA TYR B 69 -7.77 2.63 7.09
C TYR B 69 -8.75 1.59 7.65
N ALA B 70 -9.12 0.57 6.88
CA ALA B 70 -10.07 -0.41 7.38
C ALA B 70 -9.86 -1.74 6.67
N MET B 71 -10.32 -2.80 7.33
CA MET B 71 -10.29 -4.14 6.76
C MET B 71 -11.31 -4.99 7.51
N HIS B 72 -12.38 -5.36 6.81
CA HIS B 72 -13.47 -6.13 7.40
C HIS B 72 -13.50 -7.52 6.76
N TRP B 73 -13.42 -8.55 7.60
CA TRP B 73 -13.45 -9.91 7.09
C TRP B 73 -14.87 -10.28 6.67
N GLY B 74 -14.97 -11.01 5.55
CA GLY B 74 -16.26 -11.51 5.12
C GLY B 74 -16.79 -12.57 6.06
N THR B 75 -18.09 -12.85 5.92
CA THR B 75 -18.73 -13.83 6.79
C THR B 75 -18.23 -15.24 6.53
N ASP B 76 -17.62 -15.49 5.37
CA ASP B 76 -17.06 -16.80 5.05
C ASP B 76 -15.59 -16.92 5.43
N SER B 77 -15.02 -15.89 6.08
CA SER B 77 -13.65 -15.92 6.57
C SER B 77 -12.63 -16.10 5.45
N ARG B 78 -12.96 -15.64 4.23
CA ARG B 78 -12.03 -15.73 3.13
C ARG B 78 -11.85 -14.39 2.43
N LEU B 79 -12.91 -13.59 2.38
CA LEU B 79 -12.89 -12.32 1.67
C LEU B 79 -12.59 -11.19 2.63
N LEU B 80 -11.59 -10.37 2.29
CA LEU B 80 -11.23 -9.19 3.08
C LEU B 80 -11.25 -7.98 2.18
N VAL B 81 -11.93 -6.92 2.61
CA VAL B 81 -12.05 -5.68 1.86
C VAL B 81 -11.28 -4.59 2.58
N SER B 82 -10.45 -3.85 1.85
CA SER B 82 -9.65 -2.78 2.41
C SER B 82 -9.67 -1.57 1.50
N ALA B 83 -9.77 -0.39 2.09
CA ALA B 83 -9.80 0.87 1.33
C ALA B 83 -8.63 1.76 1.77
N SER B 84 -8.14 2.56 0.83
CA SER B 84 -7.00 3.43 1.08
C SER B 84 -7.27 4.80 0.50
N GLN B 85 -6.33 5.73 0.75
CA GLN B 85 -6.44 7.08 0.20
C GLN B 85 -6.30 7.12 -1.32
N ASP B 86 -5.86 6.02 -1.95
CA ASP B 86 -5.77 6.00 -3.40
C ASP B 86 -7.14 5.98 -4.07
N GLY B 87 -8.22 5.80 -3.31
CA GLY B 87 -9.55 5.78 -3.86
C GLY B 87 -10.02 4.43 -4.35
N LYS B 88 -9.39 3.35 -3.90
CA LYS B 88 -9.74 2.00 -4.32
C LYS B 88 -10.02 1.12 -3.11
N LEU B 89 -11.07 0.32 -3.20
CA LEU B 89 -11.46 -0.62 -2.15
C LEU B 89 -11.35 -2.03 -2.74
N ILE B 90 -10.16 -2.61 -2.66
CA ILE B 90 -9.89 -3.90 -3.27
C ILE B 90 -10.34 -5.01 -2.34
N ILE B 91 -11.18 -5.91 -2.84
CA ILE B 91 -11.66 -7.05 -2.07
C ILE B 91 -10.74 -8.22 -2.36
N TRP B 92 -9.87 -8.54 -1.40
CA TRP B 92 -8.85 -9.56 -1.57
C TRP B 92 -9.44 -10.95 -1.38
N ASP B 93 -8.66 -11.95 -1.78
CA ASP B 93 -8.94 -13.36 -1.52
C ASP B 93 -7.80 -13.85 -0.63
N SER B 94 -8.08 -13.99 0.67
CA SER B 94 -7.01 -14.14 1.65
C SER B 94 -6.21 -15.43 1.47
N TYR B 95 -6.88 -16.52 1.09
CA TYR B 95 -6.18 -17.81 1.03
C TYR B 95 -5.07 -17.81 -0.01
N THR B 96 -5.32 -17.24 -1.18
CA THR B 96 -4.36 -17.30 -2.28
C THR B 96 -3.89 -15.90 -2.71
N THR B 97 -4.15 -14.88 -1.89
CA THR B 97 -3.73 -13.49 -2.10
C THR B 97 -4.28 -12.89 -3.39
N ASN B 98 -5.19 -13.57 -4.09
CA ASN B 98 -5.75 -13.02 -5.31
C ASN B 98 -6.60 -11.80 -5.01
N LYS B 99 -6.58 -10.84 -5.94
CA LYS B 99 -7.44 -9.66 -5.87
C LYS B 99 -8.67 -9.91 -6.72
N VAL B 100 -9.84 -9.81 -6.12
CA VAL B 100 -11.09 -10.14 -6.80
C VAL B 100 -11.70 -8.92 -7.47
N HIS B 101 -11.82 -7.80 -6.75
CA HIS B 101 -12.43 -6.59 -7.27
C HIS B 101 -11.58 -5.39 -6.90
N ALA B 102 -11.81 -4.29 -7.62
CA ALA B 102 -11.17 -3.01 -7.35
C ALA B 102 -12.25 -1.94 -7.43
N ILE B 103 -12.83 -1.60 -6.29
CA ILE B 103 -13.95 -0.65 -6.24
C ILE B 103 -13.42 0.75 -6.50
N PRO B 104 -13.90 1.44 -7.53
CA PRO B 104 -13.50 2.84 -7.76
C PRO B 104 -14.31 3.78 -6.89
N LEU B 105 -13.66 4.36 -5.88
CA LEU B 105 -14.34 5.30 -5.01
C LEU B 105 -14.56 6.63 -5.71
N ARG B 106 -15.71 7.25 -5.47
CA ARG B 106 -15.99 8.55 -6.06
C ARG B 106 -15.01 9.61 -5.54
N SER B 107 -14.71 9.57 -4.24
CA SER B 107 -13.77 10.50 -3.63
C SER B 107 -12.73 9.71 -2.85
N SER B 108 -11.48 10.19 -2.91
CA SER B 108 -10.36 9.45 -2.35
C SER B 108 -10.37 9.39 -0.83
N TRP B 109 -11.19 10.19 -0.16
CA TRP B 109 -11.21 10.24 1.31
C TRP B 109 -12.19 9.17 1.79
N VAL B 110 -11.63 8.08 2.34
CA VAL B 110 -12.41 6.97 2.88
C VAL B 110 -11.90 6.66 4.28
N MET B 111 -12.82 6.41 5.20
CA MET B 111 -12.46 6.16 6.59
C MET B 111 -13.12 4.93 7.18
N THR B 112 -13.88 4.16 6.41
CA THR B 112 -14.58 3.00 6.96
C THR B 112 -14.82 1.99 5.85
N CYS B 113 -15.06 0.74 6.27
CA CYS B 113 -15.40 -0.33 5.36
C CYS B 113 -16.35 -1.29 6.06
N ALA B 114 -17.09 -2.05 5.26
CA ALA B 114 -18.01 -3.05 5.78
C ALA B 114 -18.23 -4.12 4.72
N TYR B 115 -18.61 -5.31 5.17
CA TYR B 115 -18.87 -6.42 4.28
C TYR B 115 -20.19 -7.08 4.68
N ALA B 116 -21.02 -7.38 3.70
CA ALA B 116 -22.32 -7.96 3.98
C ALA B 116 -22.18 -9.39 4.50
N PRO B 117 -23.07 -9.82 5.40
CA PRO B 117 -23.05 -11.22 5.83
C PRO B 117 -23.25 -12.20 4.70
N SER B 118 -24.02 -11.83 3.68
CA SER B 118 -24.15 -12.67 2.49
C SER B 118 -23.08 -12.40 1.46
N GLY B 119 -22.26 -11.36 1.65
CA GLY B 119 -21.24 -11.01 0.69
C GLY B 119 -21.72 -10.21 -0.50
N ASN B 120 -23.00 -9.84 -0.54
CA ASN B 120 -23.53 -9.12 -1.69
C ASN B 120 -23.05 -7.66 -1.72
N TYR B 121 -23.06 -6.99 -0.57
CA TYR B 121 -22.86 -5.56 -0.50
C TYR B 121 -21.57 -5.22 0.23
N VAL B 122 -20.94 -4.13 -0.20
CA VAL B 122 -19.75 -3.58 0.45
C VAL B 122 -20.00 -2.11 0.71
N ALA B 123 -19.83 -1.70 1.96
CA ALA B 123 -20.10 -0.33 2.37
C ALA B 123 -18.80 0.43 2.59
N CYS B 124 -18.80 1.69 2.17
CA CYS B 124 -17.64 2.56 2.34
C CYS B 124 -18.12 3.98 2.60
N GLY B 125 -17.24 4.77 3.21
CA GLY B 125 -17.56 6.16 3.49
C GLY B 125 -16.35 6.85 4.10
N GLY B 126 -16.47 8.17 4.24
CA GLY B 126 -15.39 8.95 4.78
C GLY B 126 -15.77 10.39 5.10
N LEU B 127 -14.87 11.32 4.79
CA LEU B 127 -15.12 12.75 5.04
C LEU B 127 -16.22 13.30 4.15
N ASP B 128 -16.64 12.56 3.13
CA ASP B 128 -17.63 13.06 2.17
C ASP B 128 -19.04 13.14 2.76
N ASN B 129 -19.22 12.78 4.02
CA ASN B 129 -20.50 12.80 4.73
C ASN B 129 -21.50 11.82 4.16
N ILE B 130 -21.09 10.94 3.24
CA ILE B 130 -22.00 10.07 2.52
C ILE B 130 -21.51 8.64 2.66
N CYS B 131 -22.41 7.75 3.06
CA CYS B 131 -22.12 6.31 3.15
C CYS B 131 -22.64 5.65 1.88
N SER B 132 -21.74 5.02 1.13
CA SER B 132 -22.07 4.41 -0.15
C SER B 132 -22.19 2.90 -0.01
N ILE B 133 -23.20 2.33 -0.67
CA ILE B 133 -23.45 0.90 -0.67
C ILE B 133 -23.20 0.38 -2.08
N TYR B 134 -22.24 -0.53 -2.22
CA TYR B 134 -21.91 -1.12 -3.50
C TYR B 134 -22.55 -2.48 -3.66
N ASN B 135 -22.72 -2.91 -4.90
CA ASN B 135 -23.32 -4.20 -5.22
C ASN B 135 -22.27 -5.06 -5.93
N LEU B 136 -22.06 -6.27 -5.43
CA LEU B 136 -21.00 -7.12 -5.97
C LEU B 136 -21.53 -8.13 -6.99
N LYS B 137 -22.78 -8.54 -6.88
CA LYS B 137 -23.35 -9.57 -7.73
C LYS B 137 -24.28 -8.99 -8.80
N THR B 138 -23.93 -7.84 -9.37
CA THR B 138 -24.74 -7.24 -10.41
C THR B 138 -24.72 -8.11 -11.67
N ARG B 139 -25.85 -8.10 -12.38
CA ARG B 139 -25.97 -8.90 -13.60
C ARG B 139 -25.05 -8.40 -14.71
N GLU B 140 -24.77 -7.10 -14.76
CA GLU B 140 -23.91 -6.56 -15.80
C GLU B 140 -22.45 -6.99 -15.65
N GLY B 141 -22.08 -7.58 -14.52
CA GLY B 141 -20.73 -8.05 -14.30
C GLY B 141 -19.79 -7.05 -13.65
N ASN B 142 -20.21 -5.80 -13.50
CA ASN B 142 -19.39 -4.77 -12.86
C ASN B 142 -20.05 -4.31 -11.57
N VAL B 143 -19.27 -3.68 -10.72
CA VAL B 143 -19.75 -3.18 -9.44
C VAL B 143 -20.40 -1.81 -9.64
N ARG B 144 -21.59 -1.65 -9.09
CA ARG B 144 -22.36 -0.42 -9.23
C ARG B 144 -22.86 0.04 -7.87
N VAL B 145 -22.98 1.35 -7.72
CA VAL B 145 -23.48 1.91 -6.46
C VAL B 145 -24.97 1.67 -6.35
N SER B 146 -25.38 0.92 -5.33
CA SER B 146 -26.79 0.66 -5.10
C SER B 146 -27.52 1.83 -4.45
N ARG B 147 -26.85 2.56 -3.57
CA ARG B 147 -27.46 3.72 -2.91
C ARG B 147 -26.40 4.59 -2.25
N GLU B 148 -26.54 5.90 -2.37
CA GLU B 148 -25.64 6.86 -1.74
C GLU B 148 -26.41 7.50 -0.57
N LEU B 149 -26.22 6.94 0.63
CA LEU B 149 -26.94 7.40 1.80
C LEU B 149 -26.38 8.74 2.26
N ALA B 150 -27.27 9.71 2.45
CA ALA B 150 -26.88 11.04 2.90
C ALA B 150 -27.82 11.52 3.99
N GLY B 151 -27.32 12.44 4.81
CA GLY B 151 -28.09 12.94 5.93
C GLY B 151 -27.23 13.23 7.15
N HIS B 152 -25.96 12.85 7.08
CA HIS B 152 -25.03 13.12 8.17
C HIS B 152 -24.31 14.44 7.93
N THR B 153 -24.20 15.23 9.00
CA THR B 153 -23.50 16.51 8.95
C THR B 153 -22.03 16.38 9.33
N GLY B 154 -21.54 15.17 9.58
CA GLY B 154 -20.15 14.96 9.91
C GLY B 154 -19.62 13.72 9.24
N TYR B 155 -18.31 13.53 9.35
CA TYR B 155 -17.65 12.42 8.68
C TYR B 155 -18.10 11.09 9.28
N LEU B 156 -18.39 10.13 8.41
CA LEU B 156 -18.75 8.79 8.85
C LEU B 156 -17.49 8.05 9.30
N SER B 157 -17.53 7.50 10.51
CA SER B 157 -16.35 6.88 11.11
C SER B 157 -16.35 5.37 11.02
N CYS B 158 -17.49 4.71 11.19
CA CYS B 158 -17.56 3.26 11.12
C CYS B 158 -18.98 2.84 10.81
N CYS B 159 -19.13 1.93 9.85
CA CYS B 159 -20.43 1.45 9.43
C CYS B 159 -20.44 -0.07 9.41
N ARG B 160 -21.57 -0.66 9.84
CA ARG B 160 -21.72 -2.11 9.90
C ARG B 160 -23.11 -2.48 9.41
N PHE B 161 -23.22 -3.68 8.84
CA PHE B 161 -24.50 -4.21 8.41
C PHE B 161 -25.13 -5.06 9.49
N LEU B 162 -26.40 -4.77 9.81
CA LEU B 162 -27.19 -5.73 10.58
C LEU B 162 -27.62 -6.89 9.69
N ASP B 163 -27.95 -6.62 8.44
CA ASP B 163 -28.24 -7.63 7.44
C ASP B 163 -28.00 -7.01 6.07
N ASP B 164 -28.49 -7.66 5.01
CA ASP B 164 -28.31 -7.15 3.67
C ASP B 164 -29.12 -5.89 3.39
N ASN B 165 -30.03 -5.50 4.28
CA ASN B 165 -30.96 -4.42 4.00
C ASN B 165 -30.69 -3.14 4.78
N GLN B 166 -30.28 -3.22 6.04
CA GLN B 166 -30.14 -2.06 6.90
C GLN B 166 -28.72 -1.93 7.42
N ILE B 167 -28.23 -0.68 7.43
CA ILE B 167 -26.88 -0.35 7.89
C ILE B 167 -27.00 0.67 9.01
N VAL B 168 -26.11 0.55 10.01
CA VAL B 168 -25.97 1.51 11.09
C VAL B 168 -24.62 2.19 10.94
N THR B 169 -24.61 3.52 10.96
CA THR B 169 -23.41 4.30 10.74
C THR B 169 -23.15 5.23 11.91
N SER B 170 -21.89 5.30 12.33
CA SER B 170 -21.46 6.20 13.39
C SER B 170 -20.68 7.35 12.75
N SER B 171 -21.23 8.55 12.84
CA SER B 171 -20.68 9.72 12.17
C SER B 171 -20.02 10.65 13.20
N GLY B 172 -19.50 11.76 12.69
CA GLY B 172 -18.75 12.69 13.52
C GLY B 172 -19.56 13.89 13.99
N ASP B 173 -20.88 13.78 13.95
CA ASP B 173 -21.75 14.85 14.43
C ASP B 173 -22.48 14.45 15.71
N THR B 174 -21.81 13.64 16.55
CA THR B 174 -22.38 13.18 17.81
C THR B 174 -23.74 12.51 17.63
N THR B 175 -23.84 11.66 16.61
CA THR B 175 -25.10 11.00 16.29
C THR B 175 -24.82 9.72 15.51
N CYS B 176 -25.44 8.63 15.94
CA CYS B 176 -25.41 7.36 15.22
C CYS B 176 -26.82 7.07 14.72
N ALA B 177 -26.92 6.64 13.47
CA ALA B 177 -28.22 6.44 12.83
C ALA B 177 -28.30 5.05 12.23
N LEU B 178 -29.52 4.53 12.16
CA LEU B 178 -29.80 3.25 11.52
C LEU B 178 -30.48 3.55 10.19
N TRP B 179 -29.77 3.31 9.09
CA TRP B 179 -30.26 3.65 7.77
C TRP B 179 -31.18 2.56 7.23
N ASP B 180 -31.62 2.74 6.00
CA ASP B 180 -32.41 1.75 5.27
C ASP B 180 -31.97 1.81 3.81
N ILE B 181 -31.15 0.84 3.40
CA ILE B 181 -30.56 0.88 2.06
C ILE B 181 -31.62 0.79 0.98
N GLU B 182 -32.77 0.17 1.30
CA GLU B 182 -33.83 0.04 0.30
C GLU B 182 -34.40 1.41 -0.08
N THR B 183 -34.59 2.29 0.89
CA THR B 183 -35.18 3.60 0.65
C THR B 183 -34.21 4.76 0.76
N GLY B 184 -33.13 4.61 1.54
CA GLY B 184 -32.17 5.69 1.68
C GLY B 184 -32.54 6.77 2.66
N GLN B 185 -33.34 6.44 3.67
CA GLN B 185 -33.76 7.41 4.68
C GLN B 185 -33.44 6.88 6.07
N GLN B 186 -33.25 7.81 7.00
CA GLN B 186 -32.93 7.45 8.39
C GLN B 186 -34.16 6.87 9.05
N THR B 187 -34.22 5.54 9.16
CA THR B 187 -35.34 4.89 9.84
C THR B 187 -35.36 5.25 11.31
N THR B 188 -34.21 5.20 11.97
CA THR B 188 -34.10 5.52 13.39
C THR B 188 -32.76 6.17 13.64
N THR B 189 -32.75 7.21 14.48
CA THR B 189 -31.55 7.94 14.83
C THR B 189 -31.32 7.87 16.33
N PHE B 190 -30.06 7.65 16.71
CA PHE B 190 -29.65 7.60 18.11
C PHE B 190 -28.87 8.85 18.45
N THR B 191 -29.30 9.56 19.49
CA THR B 191 -28.68 10.82 19.87
C THR B 191 -28.49 10.85 21.39
N GLY B 192 -27.56 11.70 21.81
CA GLY B 192 -27.25 11.83 23.22
C GLY B 192 -25.78 12.01 23.49
N HIS B 193 -24.95 11.66 22.52
CA HIS B 193 -23.50 11.76 22.68
C HIS B 193 -23.07 13.22 22.71
N THR B 194 -21.93 13.47 23.36
CA THR B 194 -21.37 14.80 23.46
C THR B 194 -20.28 15.07 22.42
N GLY B 195 -19.35 14.14 22.24
CA GLY B 195 -18.27 14.30 21.29
C GLY B 195 -18.45 13.43 20.05
N ASP B 196 -17.39 13.38 19.25
CA ASP B 196 -17.41 12.61 18.02
C ASP B 196 -17.59 11.13 18.32
N VAL B 197 -18.50 10.48 17.60
CA VAL B 197 -18.73 9.04 17.74
C VAL B 197 -17.83 8.36 16.71
N MET B 198 -16.65 7.94 17.15
CA MET B 198 -15.62 7.45 16.24
C MET B 198 -15.52 5.93 16.21
N SER B 199 -16.48 5.20 16.78
CA SER B 199 -16.42 3.75 16.79
C SER B 199 -17.83 3.18 16.85
N LEU B 200 -17.95 1.92 16.44
CA LEU B 200 -19.23 1.22 16.45
C LEU B 200 -18.97 -0.26 16.32
N SER B 201 -19.81 -1.07 16.96
CA SER B 201 -19.68 -2.52 16.90
C SER B 201 -21.04 -3.15 17.20
N LEU B 202 -21.61 -3.81 16.20
CA LEU B 202 -22.88 -4.52 16.39
C LEU B 202 -22.64 -5.82 17.15
N ALA B 203 -23.55 -6.12 18.06
CA ALA B 203 -23.43 -7.32 18.88
C ALA B 203 -23.71 -8.57 18.04
N PRO B 204 -23.22 -9.73 18.48
CA PRO B 204 -23.59 -10.98 17.80
C PRO B 204 -25.09 -11.22 17.77
N ASP B 205 -25.81 -10.79 18.79
CA ASP B 205 -27.27 -10.84 18.78
C ASP B 205 -27.83 -9.96 17.67
N THR B 206 -27.17 -8.85 17.36
CA THR B 206 -27.53 -7.88 16.34
C THR B 206 -28.81 -7.11 16.68
N ARG B 207 -29.30 -7.24 17.91
CA ARG B 207 -30.41 -6.43 18.38
C ARG B 207 -29.96 -5.19 19.15
N LEU B 208 -28.66 -5.04 19.38
CA LEU B 208 -28.12 -3.93 20.15
C LEU B 208 -26.66 -3.74 19.77
N PHE B 209 -26.14 -2.54 20.06
CA PHE B 209 -24.77 -2.20 19.69
C PHE B 209 -24.29 -1.09 20.61
N VAL B 210 -23.00 -0.77 20.48
CA VAL B 210 -22.38 0.30 21.27
C VAL B 210 -21.64 1.23 20.32
N SER B 211 -21.36 2.44 20.80
CA SER B 211 -20.64 3.44 20.03
C SER B 211 -19.77 4.26 20.98
N GLY B 212 -18.48 3.95 21.01
CA GLY B 212 -17.56 4.69 21.87
C GLY B 212 -17.20 6.03 21.30
N ALA B 213 -17.73 7.09 21.90
CA ALA B 213 -17.55 8.45 21.39
C ALA B 213 -16.19 9.01 21.81
N CYS B 214 -15.96 10.27 21.44
CA CYS B 214 -14.72 10.96 21.78
C CYS B 214 -14.75 11.56 23.18
N ASP B 215 -15.89 11.52 23.86
CA ASP B 215 -16.02 12.09 25.20
C ASP B 215 -15.61 11.12 26.29
N ALA B 216 -14.79 10.11 25.96
CA ALA B 216 -14.31 9.12 26.93
C ALA B 216 -15.46 8.39 27.60
N SER B 217 -16.42 7.95 26.78
CA SER B 217 -17.56 7.19 27.28
C SER B 217 -18.13 6.37 26.14
N ALA B 218 -18.58 5.16 26.47
CA ALA B 218 -19.21 4.27 25.51
C ALA B 218 -20.64 3.99 25.95
N LYS B 219 -21.59 4.32 25.09
CA LYS B 219 -23.01 4.14 25.41
C LYS B 219 -23.57 2.93 24.69
N LEU B 220 -24.37 2.15 25.39
CA LEU B 220 -25.01 0.96 24.85
C LEU B 220 -26.41 1.32 24.38
N TRP B 221 -26.65 1.22 23.08
CA TRP B 221 -27.94 1.56 22.50
C TRP B 221 -28.79 0.30 22.32
N ASP B 222 -30.02 0.51 21.87
CA ASP B 222 -30.90 -0.58 21.45
C ASP B 222 -31.40 -0.26 20.05
N VAL B 223 -31.24 -1.21 19.13
CA VAL B 223 -31.57 -0.96 17.73
C VAL B 223 -33.06 -0.74 17.56
N ARG B 224 -33.88 -1.56 18.23
CA ARG B 224 -35.33 -1.49 18.02
C ARG B 224 -35.92 -0.25 18.69
N GLU B 225 -35.74 -0.12 20.00
CA GLU B 225 -36.34 0.97 20.74
C GLU B 225 -35.67 2.31 20.49
N GLY B 226 -34.39 2.32 20.11
CA GLY B 226 -33.70 3.56 19.84
C GLY B 226 -33.49 4.45 21.03
N MET B 227 -33.14 3.87 22.18
CA MET B 227 -32.89 4.63 23.40
C MET B 227 -31.58 4.16 24.02
N CYS B 228 -30.91 5.08 24.71
CA CYS B 228 -29.64 4.78 25.38
C CYS B 228 -29.94 3.93 26.60
N ARG B 229 -29.81 2.61 26.44
CA ARG B 229 -30.16 1.70 27.53
C ARG B 229 -29.21 1.85 28.72
N GLN B 230 -27.91 1.81 28.45
CA GLN B 230 -26.91 1.90 29.51
C GLN B 230 -25.74 2.74 29.03
N THR B 231 -24.99 3.27 29.99
CA THR B 231 -23.84 4.10 29.70
C THR B 231 -22.65 3.65 30.53
N PHE B 232 -21.45 3.91 30.03
CA PHE B 232 -20.21 3.53 30.69
C PHE B 232 -19.25 4.70 30.70
N THR B 233 -18.41 4.76 31.73
CA THR B 233 -17.43 5.82 31.87
C THR B 233 -16.22 5.28 32.63
N GLY B 234 -15.12 6.02 32.56
CA GLY B 234 -13.91 5.62 33.25
C GLY B 234 -12.65 5.89 32.45
N HIS B 235 -12.80 6.03 31.14
CA HIS B 235 -11.65 6.30 30.29
C HIS B 235 -11.14 7.73 30.51
N GLU B 236 -9.87 7.93 30.19
CA GLU B 236 -9.23 9.23 30.38
C GLU B 236 -9.27 10.10 29.13
N SER B 237 -9.21 9.50 27.94
CA SER B 237 -9.13 10.26 26.70
C SER B 237 -10.09 9.63 25.70
N ASP B 238 -9.93 10.02 24.43
CA ASP B 238 -10.85 9.60 23.38
C ASP B 238 -10.80 8.10 23.16
N ILE B 239 -11.93 7.54 22.72
CA ILE B 239 -12.06 6.13 22.43
C ILE B 239 -11.95 5.95 20.92
N ASN B 240 -10.98 5.13 20.50
CA ASN B 240 -10.72 4.93 19.08
C ASN B 240 -11.14 3.57 18.55
N ALA B 241 -11.56 2.65 19.42
CA ALA B 241 -11.98 1.33 18.96
C ALA B 241 -12.87 0.70 20.02
N ILE B 242 -13.66 -0.28 19.59
CA ILE B 242 -14.57 -0.99 20.47
C ILE B 242 -15.04 -2.27 19.78
N CYS B 243 -15.31 -3.31 20.57
CA CYS B 243 -15.75 -4.58 20.02
C CYS B 243 -16.32 -5.44 21.14
N PHE B 244 -17.35 -6.22 20.82
CA PHE B 244 -17.99 -7.06 21.82
C PHE B 244 -17.19 -8.32 22.10
N PHE B 245 -17.32 -8.81 23.33
CA PHE B 245 -16.90 -10.16 23.67
C PHE B 245 -17.79 -11.15 22.93
N PRO B 246 -17.25 -12.31 22.53
CA PRO B 246 -18.07 -13.28 21.79
C PRO B 246 -19.32 -13.73 22.54
N ASN B 247 -19.27 -13.78 23.87
CA ASN B 247 -20.45 -14.15 24.65
C ASN B 247 -21.56 -13.12 24.53
N GLY B 248 -21.23 -11.88 24.17
CA GLY B 248 -22.22 -10.82 24.05
C GLY B 248 -22.58 -10.13 25.34
N ASN B 249 -21.95 -10.49 26.46
CA ASN B 249 -22.22 -9.87 27.75
C ASN B 249 -21.13 -8.89 28.16
N ALA B 250 -20.17 -8.60 27.29
CA ALA B 250 -19.07 -7.71 27.62
C ALA B 250 -18.50 -7.15 26.33
N PHE B 251 -17.72 -6.08 26.47
CA PHE B 251 -17.04 -5.49 25.32
C PHE B 251 -15.78 -4.79 25.80
N ALA B 252 -14.82 -4.62 24.89
CA ALA B 252 -13.55 -4.00 25.17
C ALA B 252 -13.41 -2.72 24.35
N THR B 253 -13.11 -1.62 25.02
CA THR B 253 -12.96 -0.32 24.38
C THR B 253 -11.51 0.13 24.48
N GLY B 254 -10.93 0.53 23.35
CA GLY B 254 -9.55 0.98 23.33
C GLY B 254 -9.43 2.49 23.30
N SER B 255 -8.97 3.08 24.41
CA SER B 255 -8.85 4.52 24.52
C SER B 255 -7.58 5.01 23.84
N ASP B 256 -7.40 6.32 23.82
CA ASP B 256 -6.18 6.94 23.31
C ASP B 256 -5.16 7.20 24.41
N ASP B 257 -5.44 6.78 25.63
CA ASP B 257 -4.52 6.94 26.76
C ASP B 257 -3.62 5.72 26.96
N ALA B 258 -3.31 4.99 25.88
CA ALA B 258 -2.45 3.82 25.93
C ALA B 258 -3.01 2.76 26.88
N THR B 259 -4.33 2.65 26.92
CA THR B 259 -4.96 1.64 27.77
C THR B 259 -6.32 1.29 27.18
N CYS B 260 -6.72 0.03 27.37
CA CYS B 260 -8.02 -0.46 26.93
C CYS B 260 -8.67 -1.23 28.06
N ARG B 261 -9.94 -0.96 28.28
CA ARG B 261 -10.68 -1.56 29.39
C ARG B 261 -11.68 -2.58 28.86
N LEU B 262 -12.12 -3.46 29.76
CA LEU B 262 -13.09 -4.50 29.45
C LEU B 262 -14.33 -4.27 30.30
N PHE B 263 -15.33 -3.62 29.71
CA PHE B 263 -16.57 -3.33 30.42
C PHE B 263 -17.46 -4.58 30.45
N ASP B 264 -18.41 -4.56 31.38
CA ASP B 264 -19.41 -5.62 31.51
C ASP B 264 -20.80 -5.01 31.44
N LEU B 265 -21.65 -5.56 30.57
CA LEU B 265 -22.99 -5.02 30.40
C LEU B 265 -23.81 -5.14 31.69
N ARG B 266 -23.73 -6.30 32.33
CA ARG B 266 -24.53 -6.53 33.54
C ARG B 266 -23.96 -5.79 34.75
N ALA B 267 -22.63 -5.71 34.86
CA ALA B 267 -22.03 -5.03 36.01
C ALA B 267 -22.17 -3.52 35.91
N ASP B 268 -22.01 -2.97 34.70
CA ASP B 268 -22.10 -1.53 34.43
C ASP B 268 -20.89 -0.77 34.99
N GLN B 269 -19.72 -1.39 34.92
CA GLN B 269 -18.46 -0.66 35.11
C GLN B 269 -17.33 -1.47 34.49
N GLU B 270 -16.17 -0.84 34.39
CA GLU B 270 -14.99 -1.54 33.90
C GLU B 270 -14.56 -2.62 34.90
N LEU B 271 -14.23 -3.80 34.38
CA LEU B 271 -13.82 -4.93 35.20
C LEU B 271 -12.30 -5.01 35.34
N MET B 272 -11.58 -5.07 34.23
CA MET B 272 -10.13 -5.12 34.25
C MET B 272 -9.57 -4.04 33.35
N THR B 273 -8.50 -3.39 33.80
CA THR B 273 -7.83 -2.35 33.03
C THR B 273 -6.50 -2.88 32.51
N TYR B 274 -6.21 -2.58 31.25
CA TYR B 274 -5.04 -3.14 30.57
C TYR B 274 -4.05 -1.99 30.37
N SER B 275 -3.15 -1.82 31.33
CA SER B 275 -2.11 -0.82 31.24
C SER B 275 -0.76 -1.44 31.57
N HIS B 276 0.29 -0.85 31.01
CA HIS B 276 1.66 -1.27 31.31
C HIS B 276 2.57 -0.07 31.10
N ASP B 277 3.63 0.02 31.90
CA ASP B 277 4.39 1.25 32.01
C ASP B 277 5.17 1.61 30.74
N ASN B 278 5.42 0.66 29.84
CA ASN B 278 6.23 0.95 28.67
C ASN B 278 5.40 1.37 27.45
N ILE B 279 4.10 1.57 27.61
CA ILE B 279 3.21 1.94 26.51
C ILE B 279 2.84 3.41 26.63
N ILE B 280 2.99 4.15 25.53
CA ILE B 280 2.64 5.57 25.51
C ILE B 280 1.70 5.94 24.38
N CYS B 281 1.61 5.17 23.30
CA CYS B 281 0.73 5.52 22.18
C CYS B 281 -0.67 4.97 22.41
N GLY B 282 -1.66 5.69 21.86
CA GLY B 282 -3.04 5.30 22.04
C GLY B 282 -3.45 4.16 21.13
N ILE B 283 -4.50 3.46 21.54
CA ILE B 283 -5.02 2.34 20.76
C ILE B 283 -5.63 2.86 19.47
N THR B 284 -5.56 2.05 18.42
CA THR B 284 -6.19 2.35 17.15
C THR B 284 -7.23 1.33 16.73
N SER B 285 -7.07 0.06 17.12
CA SER B 285 -8.05 -0.98 16.80
C SER B 285 -7.92 -2.09 17.83
N VAL B 286 -9.06 -2.50 18.40
CA VAL B 286 -9.10 -3.55 19.41
C VAL B 286 -10.19 -4.55 19.02
N SER B 287 -9.83 -5.83 18.99
CA SER B 287 -10.79 -6.88 18.68
C SER B 287 -10.43 -8.15 19.43
N PHE B 288 -11.46 -8.88 19.84
CA PHE B 288 -11.26 -10.13 20.57
C PHE B 288 -10.90 -11.26 19.62
N SER B 289 -10.65 -12.43 20.19
CA SER B 289 -10.49 -13.67 19.43
C SER B 289 -11.82 -14.42 19.43
N LYS B 290 -11.83 -15.57 18.74
CA LYS B 290 -13.07 -16.34 18.67
C LYS B 290 -13.52 -16.83 20.03
N SER B 291 -12.59 -17.34 20.84
CA SER B 291 -12.91 -17.81 22.18
C SER B 291 -12.87 -16.71 23.23
N GLY B 292 -12.37 -15.53 22.89
CA GLY B 292 -12.34 -14.42 23.81
C GLY B 292 -11.21 -14.44 24.82
N ARG B 293 -10.34 -15.46 24.78
CA ARG B 293 -9.24 -15.51 25.74
C ARG B 293 -8.20 -14.43 25.46
N LEU B 294 -7.97 -14.12 24.19
CA LEU B 294 -7.00 -13.11 23.80
C LEU B 294 -7.72 -11.81 23.43
N LEU B 295 -6.94 -10.73 23.35
CA LEU B 295 -7.45 -9.42 22.95
C LEU B 295 -6.40 -8.80 22.03
N LEU B 296 -6.54 -9.07 20.73
CA LEU B 296 -5.61 -8.55 19.73
C LEU B 296 -5.91 -7.08 19.49
N ALA B 297 -5.12 -6.20 20.10
CA ALA B 297 -5.34 -4.76 20.01
C ALA B 297 -4.18 -4.11 19.27
N GLY B 298 -4.51 -3.35 18.22
CA GLY B 298 -3.49 -2.60 17.52
C GLY B 298 -3.10 -1.34 18.26
N TYR B 299 -1.89 -0.86 17.98
CA TYR B 299 -1.33 0.29 18.68
C TYR B 299 -0.77 1.28 17.67
N ASP B 300 -0.68 2.54 18.10
CA ASP B 300 -0.02 3.58 17.33
C ASP B 300 1.48 3.62 17.56
N ASP B 301 2.01 2.71 18.39
CA ASP B 301 3.43 2.68 18.74
C ASP B 301 4.23 1.75 17.84
N PHE B 302 3.83 1.61 16.57
CA PHE B 302 4.48 0.82 15.53
C PHE B 302 4.28 -0.67 15.73
N ASN B 303 3.62 -1.09 16.81
CA ASN B 303 3.53 -2.50 17.20
C ASN B 303 2.07 -2.95 17.17
N CYS B 304 1.84 -4.18 17.62
CA CYS B 304 0.50 -4.73 17.74
C CYS B 304 0.53 -5.78 18.84
N ASN B 305 0.08 -5.42 20.03
CA ASN B 305 0.13 -6.28 21.20
C ASN B 305 -1.12 -7.14 21.29
N VAL B 306 -0.96 -8.35 21.83
CA VAL B 306 -2.07 -9.23 22.16
C VAL B 306 -2.00 -9.56 23.65
N TRP B 307 -3.11 -9.37 24.35
CA TRP B 307 -3.12 -9.51 25.80
C TRP B 307 -4.04 -10.67 26.19
N ASP B 308 -3.74 -11.29 27.31
CA ASP B 308 -4.66 -12.27 27.90
C ASP B 308 -5.85 -11.52 28.49
N ALA B 309 -7.05 -11.84 27.99
CA ALA B 309 -8.23 -11.08 28.39
C ALA B 309 -8.59 -11.27 29.86
N LEU B 310 -8.04 -12.31 30.51
CA LEU B 310 -8.38 -12.58 31.90
C LEU B 310 -7.27 -12.18 32.87
N LYS B 311 -6.06 -12.69 32.67
CA LYS B 311 -4.96 -12.37 33.57
C LYS B 311 -4.44 -10.95 33.38
N ALA B 312 -4.87 -10.26 32.32
CA ALA B 312 -4.51 -8.85 32.09
C ALA B 312 -3.00 -8.66 32.02
N ASP B 313 -2.31 -9.59 31.36
CA ASP B 313 -0.87 -9.47 31.13
C ASP B 313 -0.56 -9.84 29.70
N ARG B 314 0.54 -9.30 29.20
CA ARG B 314 0.92 -9.49 27.80
C ARG B 314 1.29 -10.95 27.55
N ALA B 315 0.90 -11.46 26.38
CA ALA B 315 1.23 -12.80 25.96
C ALA B 315 2.07 -12.84 24.68
N GLY B 316 2.33 -11.70 24.06
CA GLY B 316 3.15 -11.68 22.86
C GLY B 316 3.09 -10.32 22.20
N VAL B 317 4.03 -10.11 21.30
CA VAL B 317 4.16 -8.86 20.55
C VAL B 317 4.15 -9.22 19.06
N LEU B 318 3.18 -8.68 18.33
CA LEU B 318 3.06 -8.94 16.90
C LEU B 318 3.64 -7.76 16.12
N ALA B 319 4.95 -7.57 16.28
CA ALA B 319 5.66 -6.47 15.65
C ALA B 319 6.08 -6.89 14.25
N GLY B 320 5.33 -6.47 13.25
CA GLY B 320 5.65 -6.80 11.87
C GLY B 320 5.35 -5.72 10.85
N HIS B 321 4.98 -4.52 11.32
CA HIS B 321 4.59 -3.44 10.45
C HIS B 321 5.56 -2.27 10.54
N ASP B 322 5.78 -1.62 9.41
CA ASP B 322 6.66 -0.46 9.32
C ASP B 322 5.93 0.86 9.59
N ASN B 323 4.63 0.81 9.85
CA ASN B 323 3.88 2.02 10.19
C ASN B 323 2.77 1.65 11.16
N ARG B 324 2.06 2.68 11.63
CA ARG B 324 1.00 2.45 12.61
C ARG B 324 -0.14 1.65 11.99
N VAL B 325 -0.65 0.69 12.76
CA VAL B 325 -1.77 -0.14 12.31
C VAL B 325 -3.06 0.63 12.51
N SER B 326 -3.89 0.67 11.46
CA SER B 326 -5.13 1.42 11.50
C SER B 326 -6.37 0.54 11.64
N CYS B 327 -6.21 -0.78 11.58
CA CYS B 327 -7.36 -1.67 11.71
C CYS B 327 -6.88 -3.05 12.15
N LEU B 328 -7.81 -3.82 12.71
CA LEU B 328 -7.54 -5.20 13.09
C LEU B 328 -8.82 -5.99 12.91
N GLY B 329 -8.68 -7.19 12.33
CA GLY B 329 -9.84 -8.02 12.07
C GLY B 329 -9.56 -9.49 12.28
N VAL B 330 -10.42 -10.15 13.05
CA VAL B 330 -10.30 -11.57 13.34
C VAL B 330 -11.39 -12.31 12.60
N THR B 331 -11.03 -13.36 11.89
CA THR B 331 -12.00 -14.13 11.12
C THR B 331 -13.03 -14.76 12.03
N ASP B 332 -14.21 -15.03 11.46
CA ASP B 332 -15.31 -15.59 12.26
C ASP B 332 -14.96 -16.98 12.78
N ASP B 333 -14.13 -17.73 12.06
CA ASP B 333 -13.67 -19.03 12.53
C ASP B 333 -12.39 -18.93 13.35
N GLY B 334 -11.83 -17.74 13.50
CA GLY B 334 -10.65 -17.56 14.34
C GLY B 334 -9.36 -18.05 13.74
N MET B 335 -9.35 -18.44 12.47
CA MET B 335 -8.17 -19.04 11.86
C MET B 335 -7.07 -18.04 11.55
N ALA B 336 -7.38 -16.75 11.45
CA ALA B 336 -6.37 -15.77 11.10
C ALA B 336 -6.78 -14.40 11.62
N VAL B 337 -5.80 -13.52 11.74
CA VAL B 337 -6.01 -12.13 12.14
C VAL B 337 -5.32 -11.24 11.12
N ALA B 338 -5.95 -10.12 10.79
CA ALA B 338 -5.44 -9.20 9.78
C ALA B 338 -5.22 -7.83 10.40
N THR B 339 -4.06 -7.23 10.10
CA THR B 339 -3.74 -5.89 10.56
C THR B 339 -3.35 -5.05 9.35
N GLY B 340 -4.04 -3.92 9.19
CA GLY B 340 -3.73 -3.01 8.10
C GLY B 340 -3.06 -1.74 8.57
N SER B 341 -1.78 -1.60 8.27
CA SER B 341 -1.00 -0.46 8.71
C SER B 341 -1.07 0.66 7.67
N TRP B 342 -0.38 1.76 7.97
CA TRP B 342 -0.29 2.88 7.04
C TRP B 342 0.81 2.71 6.01
N ASP B 343 1.54 1.60 6.04
CA ASP B 343 2.60 1.32 5.09
C ASP B 343 2.07 0.66 3.81
N SER B 344 0.78 0.80 3.54
CA SER B 344 0.12 0.28 2.33
C SER B 344 0.16 -1.24 2.25
N PHE B 345 0.55 -1.92 3.32
CA PHE B 345 0.68 -3.37 3.33
C PHE B 345 -0.33 -3.96 4.30
N LEU B 346 -1.14 -4.89 3.81
CA LEU B 346 -2.07 -5.64 4.64
C LEU B 346 -1.54 -7.06 4.82
N LYS B 347 -1.45 -7.50 6.07
CA LYS B 347 -0.84 -8.79 6.41
C LYS B 347 -1.85 -9.67 7.11
N ILE B 348 -1.84 -10.96 6.77
CA ILE B 348 -2.71 -11.96 7.38
C ILE B 348 -1.83 -12.81 8.30
N TRP B 349 -2.19 -12.86 9.57
CA TRP B 349 -1.39 -13.53 10.58
C TRP B 349 -2.18 -14.66 11.22
N ASN B 350 -1.48 -15.75 11.51
CA ASN B 350 -2.11 -16.92 12.11
C ASN B 350 -1.33 -17.35 13.35
N ASP C 64 68.23 2.11 -12.54
CA ASP C 64 68.48 0.92 -11.74
C ASP C 64 68.77 -0.29 -12.63
N HIS C 65 67.72 -0.83 -13.23
CA HIS C 65 67.85 -2.00 -14.09
C HIS C 65 66.77 -1.93 -15.16
N PHE C 66 66.67 -2.98 -15.97
CA PHE C 66 65.67 -3.06 -17.02
C PHE C 66 65.19 -4.49 -17.14
N LEU C 67 63.97 -4.62 -17.64
CA LEU C 67 63.38 -5.97 -17.75
C LEU C 67 62.54 -6.02 -19.02
N GLU C 68 62.27 -7.23 -19.51
CA GLU C 68 61.42 -7.37 -20.70
C GLU C 68 60.10 -7.99 -20.28
N ILE C 69 59.00 -7.63 -20.95
CA ILE C 69 57.72 -8.27 -20.68
C ILE C 69 56.70 -7.76 -21.69
N ASP C 70 55.73 -8.62 -21.99
CA ASP C 70 54.68 -8.27 -22.96
C ASP C 70 55.28 -7.81 -24.28
N LYS C 71 56.39 -8.44 -24.66
CA LYS C 71 57.06 -8.15 -25.93
C LYS C 71 57.50 -6.69 -26.00
N LYS C 72 57.83 -6.06 -24.91
CA LYS C 72 58.03 -4.59 -24.76
C LYS C 72 59.05 -4.26 -23.66
N ASN C 73 60.12 -3.53 -24.02
CA ASN C 73 61.12 -3.06 -23.03
C ASN C 73 60.23 -2.48 -21.97
N CYS C 74 60.30 -3.06 -20.81
CA CYS C 74 59.34 -2.70 -19.78
C CYS C 74 60.07 -2.56 -18.44
N CYS C 75 60.17 -1.34 -17.93
CA CYS C 75 61.13 -0.97 -16.89
C CYS C 75 60.43 -0.83 -15.54
N VAL C 76 61.04 -1.38 -14.50
CA VAL C 76 60.46 -1.37 -13.16
C VAL C 76 61.58 -1.44 -12.12
N PHE C 77 61.35 -0.82 -10.96
CA PHE C 77 62.33 -0.71 -9.90
C PHE C 77 61.78 -1.25 -8.58
N ARG C 78 62.68 -1.34 -7.59
CA ARG C 78 62.32 -1.66 -6.20
C ARG C 78 63.27 -0.87 -5.30
N ASP C 79 62.81 0.29 -4.84
CA ASP C 79 63.62 1.12 -3.96
C ASP C 79 63.32 0.82 -2.49
N ASP C 80 63.94 1.59 -1.60
CA ASP C 80 63.82 1.35 -0.16
C ASP C 80 62.86 2.31 0.54
N PHE C 81 62.55 3.45 -0.05
CA PHE C 81 61.63 4.35 0.70
C PHE C 81 60.25 3.70 0.79
N ILE C 82 59.88 2.94 -0.24
CA ILE C 82 58.50 2.44 -0.28
C ILE C 82 58.14 1.78 1.04
N VAL C 83 58.99 0.87 1.52
CA VAL C 83 58.72 0.18 2.76
C VAL C 83 58.78 1.12 3.96
N LYS C 84 59.44 2.27 3.82
CA LYS C 84 59.55 3.23 4.90
C LYS C 84 58.51 4.34 4.83
N VAL C 85 57.70 4.39 3.78
CA VAL C 85 56.73 5.47 3.62
C VAL C 85 55.31 4.93 3.49
N LEU C 86 55.10 3.98 2.58
CA LEU C 86 53.74 3.56 2.27
C LEU C 86 53.01 2.89 3.44
N PRO C 87 53.56 1.88 4.12
CA PRO C 87 52.74 1.09 5.05
C PRO C 87 52.14 1.88 6.22
N PRO C 88 52.79 2.93 6.76
CA PRO C 88 52.10 3.67 7.85
C PRO C 88 50.80 4.33 7.40
N VAL C 89 50.85 5.14 6.33
CA VAL C 89 49.64 5.78 5.85
C VAL C 89 48.65 4.73 5.34
N LEU C 90 49.17 3.64 4.78
CA LEU C 90 48.30 2.55 4.34
C LEU C 90 47.50 1.98 5.51
N GLY C 91 48.17 1.69 6.62
CA GLY C 91 47.48 1.15 7.78
C GLY C 91 46.50 2.14 8.38
N LEU C 92 46.89 3.42 8.46
CA LEU C 92 45.98 4.43 8.99
C LEU C 92 44.72 4.55 8.14
N GLU C 93 44.89 4.62 6.81
CA GLU C 93 43.74 4.70 5.93
C GLU C 93 42.88 3.45 6.05
N PHE C 94 43.51 2.28 6.14
CA PHE C 94 42.77 1.03 6.22
C PHE C 94 41.92 1.00 7.49
N ILE C 95 42.52 1.33 8.64
CA ILE C 95 41.78 1.25 9.90
C ILE C 95 40.65 2.28 9.93
N PHE C 96 40.92 3.51 9.47
CA PHE C 96 39.87 4.52 9.46
C PHE C 96 38.73 4.12 8.54
N GLY C 97 39.07 3.64 7.34
CA GLY C 97 38.04 3.27 6.39
C GLY C 97 37.21 2.09 6.84
N LEU C 98 37.85 1.09 7.47
CA LEU C 98 37.07 -0.05 7.98
C LEU C 98 36.17 0.39 9.12
N LEU C 99 36.69 1.20 10.05
CA LEU C 99 35.87 1.69 11.15
C LEU C 99 34.70 2.51 10.65
N GLY C 100 34.84 3.21 9.53
CA GLY C 100 33.73 3.92 8.95
C GLY C 100 32.73 3.04 8.23
N ASN C 101 33.21 2.25 7.27
CA ASN C 101 32.31 1.53 6.37
C ASN C 101 31.63 0.35 7.06
N GLY C 102 32.25 -0.28 8.07
CA GLY C 102 31.56 -1.33 8.79
C GLY C 102 30.30 -0.82 9.45
N LEU C 103 30.42 0.30 10.17
CA LEU C 103 29.25 0.94 10.78
C LEU C 103 28.26 1.44 9.73
N ALA C 104 28.76 2.01 8.63
CA ALA C 104 27.86 2.48 7.57
C ALA C 104 27.02 1.34 7.02
N LEU C 105 27.66 0.22 6.68
CA LEU C 105 26.93 -0.93 6.17
C LEU C 105 25.99 -1.51 7.23
N TRP C 106 26.42 -1.56 8.49
CA TRP C 106 25.56 -2.09 9.54
C TRP C 106 24.29 -1.27 9.69
N ILE C 107 24.42 0.06 9.73
CA ILE C 107 23.24 0.90 9.87
C ILE C 107 22.40 0.88 8.60
N PHE C 108 23.03 0.70 7.44
CA PHE C 108 22.27 0.64 6.19
C PHE C 108 21.44 -0.64 6.12
N LYS C 116 15.84 4.24 -1.52
CA LYS C 116 15.70 5.23 -2.58
C LYS C 116 16.86 5.09 -3.55
N SER C 117 16.73 5.75 -4.70
CA SER C 117 17.76 5.67 -5.73
C SER C 117 19.09 6.22 -5.22
N SER C 118 19.05 7.42 -4.61
CA SER C 118 20.26 7.97 -4.03
C SER C 118 20.77 7.09 -2.89
N ARG C 119 19.85 6.59 -2.06
CA ARG C 119 20.26 5.75 -0.93
C ARG C 119 20.90 4.46 -1.41
N ILE C 120 20.33 3.82 -2.43
CA ILE C 120 20.92 2.58 -2.93
C ILE C 120 22.24 2.86 -3.64
N PHE C 121 22.37 4.02 -4.31
CA PHE C 121 23.64 4.36 -4.91
C PHE C 121 24.73 4.56 -3.86
N LEU C 122 24.40 5.24 -2.76
CA LEU C 122 25.36 5.38 -1.67
C LEU C 122 25.70 4.04 -1.04
N PHE C 123 24.71 3.16 -0.93
CA PHE C 123 24.97 1.81 -0.40
C PHE C 123 25.93 1.05 -1.30
N ASN C 124 25.73 1.14 -2.61
CA ASN C 124 26.64 0.48 -3.54
C ASN C 124 28.04 1.07 -3.47
N LEU C 125 28.14 2.40 -3.32
CA LEU C 125 29.45 3.03 -3.15
C LEU C 125 30.13 2.51 -1.87
N ALA C 126 29.37 2.37 -0.80
CA ALA C 126 29.93 1.83 0.44
C ALA C 126 30.39 0.39 0.25
N VAL C 127 29.63 -0.40 -0.49
CA VAL C 127 30.02 -1.79 -0.76
C VAL C 127 31.33 -1.83 -1.55
N ALA C 128 31.44 -0.97 -2.57
CA ALA C 128 32.67 -0.92 -3.35
C ALA C 128 33.86 -0.49 -2.49
N ASP C 129 33.64 0.49 -1.62
CA ASP C 129 34.70 0.91 -0.70
C ASP C 129 35.11 -0.23 0.22
N PHE C 130 34.15 -0.97 0.75
CA PHE C 130 34.45 -2.10 1.62
C PHE C 130 35.26 -3.16 0.89
N LEU C 131 34.87 -3.49 -0.34
CA LEU C 131 35.62 -4.47 -1.10
C LEU C 131 37.05 -4.00 -1.37
N LEU C 132 37.21 -2.72 -1.72
CA LEU C 132 38.55 -2.17 -1.95
C LEU C 132 39.40 -2.25 -0.68
N ILE C 133 38.81 -1.94 0.47
CA ILE C 133 39.59 -1.91 1.71
C ILE C 133 39.85 -3.32 2.21
N ILE C 134 39.03 -4.30 1.79
CA ILE C 134 39.36 -5.69 2.04
C ILE C 134 40.54 -6.13 1.17
N CYS C 135 40.58 -5.67 -0.08
CA CYS C 135 41.70 -6.02 -0.96
C CYS C 135 42.99 -5.34 -0.54
N LEU C 136 42.88 -4.19 0.12
CA LEU C 136 44.05 -3.36 0.43
C LEU C 136 45.10 -4.06 1.29
N PRO C 137 44.77 -4.80 2.36
CA PRO C 137 45.83 -5.44 3.15
C PRO C 137 46.69 -6.41 2.35
N PHE C 138 46.18 -6.96 1.25
CA PHE C 138 47.04 -7.70 0.35
C PHE C 138 48.11 -6.79 -0.25
N LEU C 139 47.72 -5.55 -0.59
CA LEU C 139 48.71 -4.57 -1.04
C LEU C 139 49.72 -4.28 0.06
N MET C 140 49.26 -4.18 1.30
CA MET C 140 50.18 -3.97 2.41
C MET C 140 51.18 -5.11 2.53
N ASP C 141 50.69 -6.35 2.40
CA ASP C 141 51.57 -7.52 2.46
C ASP C 141 52.58 -7.50 1.32
N ASN C 142 52.14 -7.11 0.12
CA ASN C 142 53.06 -7.00 -1.00
C ASN C 142 54.12 -5.94 -0.74
N TYR C 143 53.73 -4.85 -0.13
CA TYR C 143 54.67 -3.72 0.06
C TYR C 143 55.68 -4.08 1.13
N VAL C 144 55.26 -4.69 2.23
CA VAL C 144 56.18 -4.94 3.34
C VAL C 144 57.23 -5.98 2.94
N ARG C 145 56.92 -6.88 2.03
CA ARG C 145 57.84 -7.93 1.61
C ARG C 145 58.89 -7.46 0.63
N ARG C 146 59.07 -6.14 0.47
CA ARG C 146 60.00 -5.57 -0.49
C ARG C 146 59.72 -6.10 -1.91
N TRP C 147 58.51 -5.83 -2.40
CA TRP C 147 58.16 -6.30 -3.77
C TRP C 147 58.38 -7.81 -3.89
N ASP C 148 57.71 -8.60 -3.05
CA ASP C 148 57.79 -10.05 -3.19
C ASP C 148 56.39 -10.64 -3.01
N TRP C 149 55.75 -11.02 -4.12
CA TRP C 149 54.45 -11.65 -4.10
C TRP C 149 54.63 -13.16 -4.16
N LYS C 150 54.25 -13.85 -3.09
CA LYS C 150 54.42 -15.30 -3.00
C LYS C 150 53.10 -16.06 -3.02
N PHE C 151 51.96 -15.36 -3.11
CA PHE C 151 50.67 -16.04 -3.10
C PHE C 151 50.49 -16.90 -4.34
N GLY C 152 50.82 -16.37 -5.51
CA GLY C 152 50.80 -17.16 -6.72
C GLY C 152 50.13 -16.41 -7.86
N ASP C 153 49.81 -17.15 -8.91
CA ASP C 153 49.22 -16.59 -10.13
C ASP C 153 47.80 -16.10 -9.90
N ILE C 154 46.93 -17.04 -9.51
CA ILE C 154 45.50 -16.65 -9.36
C ILE C 154 45.43 -15.52 -8.35
N PRO C 155 45.95 -15.64 -7.12
CA PRO C 155 45.75 -14.55 -6.16
C PRO C 155 46.15 -13.19 -6.70
N CYS C 156 47.29 -13.08 -7.38
CA CYS C 156 47.70 -11.80 -7.94
C CYS C 156 46.71 -11.33 -9.00
N ARG C 157 46.28 -12.23 -9.87
CA ARG C 157 45.33 -11.86 -10.93
C ARG C 157 44.03 -11.35 -10.33
N LEU C 158 43.48 -12.09 -9.36
CA LEU C 158 42.21 -11.68 -8.77
C LEU C 158 42.37 -10.40 -7.95
N MET C 159 43.53 -10.19 -7.34
CA MET C 159 43.75 -8.98 -6.57
C MET C 159 43.79 -7.75 -7.47
N LEU C 160 44.50 -7.83 -8.58
CA LEU C 160 44.49 -6.72 -9.53
C LEU C 160 43.09 -6.50 -10.10
N PHE C 161 42.41 -7.59 -10.47
CA PHE C 161 41.05 -7.49 -10.98
C PHE C 161 40.15 -6.76 -10.00
N MET C 162 40.13 -7.21 -8.75
CA MET C 162 39.30 -6.62 -7.72
C MET C 162 39.65 -5.17 -7.41
N LEU C 163 40.93 -4.85 -7.31
CA LEU C 163 41.22 -3.42 -7.06
C LEU C 163 40.64 -2.62 -8.21
N ALA C 164 41.11 -2.89 -9.42
CA ALA C 164 40.69 -2.05 -10.53
C ALA C 164 39.18 -1.93 -10.59
N MET C 165 38.47 -3.05 -10.38
CA MET C 165 37.01 -3.04 -10.38
C MET C 165 36.45 -2.15 -9.28
N ASN C 166 37.05 -2.21 -8.08
CA ASN C 166 36.59 -1.39 -6.98
C ASN C 166 36.81 0.09 -7.24
N ARG C 167 37.97 0.48 -7.75
CA ARG C 167 38.10 1.93 -8.03
C ARG C 167 37.04 2.27 -9.06
N GLN C 168 37.08 1.61 -10.20
CA GLN C 168 36.15 1.99 -11.24
C GLN C 168 34.74 2.15 -10.70
N GLY C 169 34.29 1.19 -9.89
CA GLY C 169 32.96 1.26 -9.33
C GLY C 169 32.78 2.47 -8.41
N SER C 170 33.78 2.73 -7.57
CA SER C 170 33.69 3.89 -6.68
C SER C 170 33.57 5.19 -7.46
N ILE C 171 34.42 5.38 -8.46
CA ILE C 171 34.39 6.62 -9.22
C ILE C 171 33.07 6.74 -9.99
N ILE C 172 32.64 5.65 -10.63
CA ILE C 172 31.44 5.72 -11.45
C ILE C 172 30.20 5.92 -10.59
N PHE C 173 30.15 5.32 -9.40
CA PHE C 173 28.98 5.54 -8.56
C PHE C 173 29.01 6.92 -7.91
N LEU C 174 30.19 7.48 -7.67
CA LEU C 174 30.27 8.86 -7.24
C LEU C 174 29.70 9.80 -8.29
N THR C 175 30.06 9.59 -9.56
CA THR C 175 29.54 10.47 -10.60
C THR C 175 28.05 10.23 -10.84
N VAL C 176 27.58 8.98 -10.64
CA VAL C 176 26.15 8.72 -10.73
C VAL C 176 25.39 9.45 -9.62
N VAL C 177 25.96 9.45 -8.40
CA VAL C 177 25.34 10.18 -7.30
C VAL C 177 25.27 11.67 -7.61
N ALA C 178 26.36 12.21 -8.17
CA ALA C 178 26.35 13.64 -8.52
C ALA C 178 25.31 13.93 -9.60
N VAL C 179 25.17 13.05 -10.59
CA VAL C 179 24.16 13.26 -11.62
C VAL C 179 22.76 13.19 -11.03
N ASP C 180 22.55 12.27 -10.06
CA ASP C 180 21.27 12.19 -9.38
C ASP C 180 20.96 13.47 -8.63
N ARG C 181 21.96 14.04 -7.95
CA ARG C 181 21.76 15.31 -7.27
C ARG C 181 21.41 16.42 -8.27
N TYR C 182 22.11 16.44 -9.41
CA TYR C 182 21.84 17.46 -10.42
C TYR C 182 20.42 17.34 -10.95
N PHE C 183 19.94 16.12 -11.18
CA PHE C 183 18.54 15.94 -11.56
C PHE C 183 17.57 16.31 -10.45
N ARG C 184 17.94 16.10 -9.19
CA ARG C 184 17.02 16.36 -8.09
C ARG C 184 17.11 17.78 -7.55
N VAL C 185 17.95 18.63 -8.12
CA VAL C 185 18.07 20.02 -7.71
C VAL C 185 17.52 20.97 -8.78
N VAL C 186 18.04 20.88 -9.99
CA VAL C 186 17.68 21.87 -11.02
C VAL C 186 16.44 21.46 -11.81
N HIS C 187 16.14 20.16 -11.91
CA HIS C 187 15.01 19.65 -12.67
C HIS C 187 14.19 18.71 -11.79
N PRO C 188 13.52 19.25 -10.77
CA PRO C 188 12.82 18.36 -9.82
C PRO C 188 11.65 17.61 -10.42
N HIS C 189 11.03 18.12 -11.48
CA HIS C 189 9.81 17.54 -12.03
C HIS C 189 10.07 16.55 -13.15
N HIS C 190 11.34 16.24 -13.43
CA HIS C 190 11.64 15.26 -14.46
C HIS C 190 11.22 13.86 -14.03
N ALA C 191 10.92 13.01 -15.01
CA ALA C 191 10.38 11.69 -14.72
C ALA C 191 11.37 10.82 -13.94
N LEU C 192 12.67 11.01 -14.17
CA LEU C 192 13.68 10.18 -13.51
C LEU C 192 13.71 10.40 -11.99
N ASN C 193 13.20 11.54 -11.52
CA ASN C 193 13.26 11.85 -10.09
C ASN C 193 12.45 10.87 -9.25
N SER C 196 11.63 3.97 -10.00
CA SER C 196 11.35 2.86 -9.10
C SER C 196 12.64 2.25 -8.55
N ASN C 197 12.50 1.50 -7.46
CA ASN C 197 13.66 0.84 -6.86
C ASN C 197 14.22 -0.24 -7.76
N ARG C 198 13.35 -0.94 -8.50
CA ARG C 198 13.82 -1.99 -9.39
C ARG C 198 14.70 -1.43 -10.50
N THR C 199 14.32 -0.27 -11.06
CA THR C 199 15.12 0.34 -12.11
C THR C 199 16.48 0.79 -11.56
N ALA C 200 16.50 1.33 -10.35
CA ALA C 200 17.78 1.69 -9.74
C ALA C 200 18.66 0.46 -9.52
N ALA C 201 18.05 -0.64 -9.07
CA ALA C 201 18.81 -1.86 -8.84
C ALA C 201 19.38 -2.40 -10.14
N ILE C 202 18.58 -2.41 -11.21
CA ILE C 202 19.10 -2.93 -12.48
C ILE C 202 20.15 -1.98 -13.07
N ILE C 203 20.02 -0.67 -12.83
CA ILE C 203 21.06 0.25 -13.27
C ILE C 203 22.37 -0.03 -12.54
N SER C 204 22.28 -0.24 -11.22
CA SER C 204 23.48 -0.56 -10.46
C SER C 204 24.11 -1.87 -10.93
N CYS C 205 23.27 -2.88 -11.19
CA CYS C 205 23.78 -4.14 -11.71
C CYS C 205 24.44 -3.98 -13.07
N LEU C 206 23.85 -3.17 -13.95
CA LEU C 206 24.46 -2.93 -15.26
C LEU C 206 25.79 -2.21 -15.14
N LEU C 207 25.89 -1.26 -14.21
CA LEU C 207 27.15 -0.57 -13.99
C LEU C 207 28.21 -1.52 -13.43
N TRP C 208 27.83 -2.40 -12.50
CA TRP C 208 28.77 -3.39 -12.01
C TRP C 208 29.23 -4.31 -13.13
N GLY C 209 28.30 -4.73 -13.98
CA GLY C 209 28.66 -5.60 -15.09
C GLY C 209 29.58 -4.94 -16.09
N ILE C 210 29.33 -3.67 -16.41
CA ILE C 210 30.20 -2.97 -17.36
C ILE C 210 31.56 -2.71 -16.72
N THR C 211 31.62 -2.49 -15.41
CA THR C 211 32.91 -2.38 -14.73
C THR C 211 33.70 -3.69 -14.85
N ILE C 212 33.03 -4.82 -14.61
CA ILE C 212 33.69 -6.11 -14.73
C ILE C 212 34.16 -6.33 -16.16
N GLY C 213 33.32 -5.98 -17.13
CA GLY C 213 33.67 -6.15 -18.53
C GLY C 213 34.85 -5.28 -18.95
N LEU C 214 34.95 -4.07 -18.40
CA LEU C 214 36.07 -3.22 -18.76
C LEU C 214 37.35 -3.63 -18.04
N THR C 215 37.25 -4.23 -16.86
CA THR C 215 38.43 -4.64 -16.11
C THR C 215 38.83 -6.10 -16.34
N VAL C 216 38.09 -6.84 -17.15
CA VAL C 216 38.39 -8.26 -17.35
C VAL C 216 39.76 -8.48 -17.98
N HIS C 217 40.26 -7.53 -18.77
CA HIS C 217 41.50 -7.75 -19.49
C HIS C 217 42.69 -7.94 -18.55
N LEU C 218 42.60 -7.43 -17.33
CA LEU C 218 43.68 -7.61 -16.37
C LEU C 218 43.78 -9.05 -15.89
N LEU C 219 42.64 -9.75 -15.84
CA LEU C 219 42.65 -11.14 -15.41
C LEU C 219 43.42 -12.05 -16.35
N LYS C 220 43.38 -11.77 -17.66
CA LYS C 220 44.11 -12.60 -18.62
C LYS C 220 45.62 -12.40 -18.53
N LYS C 221 46.06 -11.28 -17.94
CA LYS C 221 47.48 -11.02 -17.82
C LYS C 221 48.14 -12.01 -16.87
N LYS C 222 49.40 -12.33 -17.15
CA LYS C 222 50.15 -13.29 -16.36
C LYS C 222 50.97 -12.56 -15.29
N MET C 223 50.78 -12.96 -14.03
CA MET C 223 51.50 -12.38 -12.91
C MET C 223 51.32 -13.31 -11.72
N PRO C 224 52.36 -13.51 -10.89
CA PRO C 224 53.64 -12.82 -10.91
C PRO C 224 54.64 -13.30 -11.97
N ILE C 225 55.63 -12.45 -12.24
CA ILE C 225 56.71 -12.76 -13.16
C ILE C 225 58.03 -12.69 -12.38
N GLN C 226 59.00 -13.55 -12.56
CA GLN C 226 60.15 -13.40 -11.61
C GLN C 226 61.43 -12.73 -12.14
N ASN C 227 61.73 -11.47 -11.77
CA ASN C 227 63.07 -11.02 -12.12
C ASN C 227 63.87 -10.79 -10.84
N GLY C 228 65.17 -11.05 -10.92
CA GLY C 228 66.02 -10.84 -9.76
C GLY C 228 65.53 -11.63 -8.56
N GLY C 229 65.51 -10.98 -7.40
CA GLY C 229 65.10 -11.62 -6.17
C GLY C 229 63.63 -11.45 -5.85
N ALA C 230 62.83 -11.10 -6.86
CA ALA C 230 61.44 -10.70 -6.62
C ALA C 230 60.53 -11.36 -7.64
N ASN C 231 59.35 -11.41 -7.14
CA ASN C 231 58.28 -11.51 -8.12
C ASN C 231 57.54 -10.17 -8.19
N LEU C 232 57.02 -9.85 -9.38
CA LEU C 232 56.26 -8.62 -9.58
C LEU C 232 54.77 -8.96 -9.66
N CYS C 233 53.96 -8.17 -8.96
CA CYS C 233 52.50 -8.31 -9.01
C CYS C 233 51.91 -6.96 -9.38
N SER C 234 52.46 -6.33 -10.41
CA SER C 234 52.18 -4.93 -10.73
C SER C 234 51.37 -4.81 -12.01
N SER C 235 50.49 -3.81 -12.03
CA SER C 235 49.89 -3.32 -13.26
C SER C 235 50.30 -1.90 -13.60
N PHE C 236 50.79 -1.18 -12.58
CA PHE C 236 51.24 0.22 -12.74
C PHE C 236 52.75 0.21 -12.88
N SER C 237 53.25 -0.29 -14.01
CA SER C 237 54.67 -0.23 -14.30
C SER C 237 54.94 0.81 -15.38
N ILE C 238 56.08 1.50 -15.23
CA ILE C 238 56.52 2.45 -16.25
C ILE C 238 56.97 1.63 -17.45
N CYS C 239 56.12 1.55 -18.47
CA CYS C 239 56.28 0.50 -19.47
C CYS C 239 55.91 1.07 -20.83
N HIS C 240 56.76 0.89 -21.84
CA HIS C 240 56.55 1.60 -23.13
C HIS C 240 55.21 1.30 -23.80
N THR C 241 54.79 0.04 -23.82
CA THR C 241 53.60 -0.26 -24.63
C THR C 241 52.39 0.52 -24.13
N PHE C 242 51.49 0.85 -25.07
CA PHE C 242 50.30 1.62 -24.76
C PHE C 242 49.16 0.65 -24.45
N GLN C 243 49.13 0.22 -23.19
CA GLN C 243 48.10 -0.72 -22.76
C GLN C 243 46.74 -0.04 -22.66
N TRP C 244 45.69 -0.84 -22.82
CA TRP C 244 44.33 -0.33 -22.66
C TRP C 244 44.07 0.11 -21.22
N HIS C 245 44.80 -0.49 -20.28
CA HIS C 245 44.66 -0.08 -18.86
C HIS C 245 44.97 1.41 -18.75
N GLU C 246 46.09 1.82 -19.33
CA GLU C 246 46.50 3.22 -19.22
C GLU C 246 45.42 4.15 -19.74
N ALA C 247 44.80 3.80 -20.87
CA ALA C 247 43.69 4.59 -21.40
C ALA C 247 42.52 4.61 -20.44
N MET C 248 42.22 3.47 -19.82
CA MET C 248 41.14 3.42 -18.84
C MET C 248 41.43 4.31 -17.64
N PHE C 249 42.68 4.28 -17.16
CA PHE C 249 43.05 5.12 -16.02
C PHE C 249 42.98 6.59 -16.37
N LEU C 250 43.37 6.96 -17.59
CA LEU C 250 43.24 8.36 -18.01
C LEU C 250 41.78 8.77 -18.12
N LEU C 251 40.93 7.89 -18.69
CA LEU C 251 39.53 8.22 -18.90
C LEU C 251 38.79 8.37 -17.58
N GLU C 252 39.09 7.50 -16.60
CA GLU C 252 38.37 7.53 -15.33
C GLU C 252 38.61 8.82 -14.56
N PHE C 253 39.50 9.67 -15.06
CA PHE C 253 39.59 10.99 -14.40
C PHE C 253 39.10 12.00 -15.42
N PHE C 254 39.46 11.81 -16.69
CA PHE C 254 39.10 12.84 -17.65
C PHE C 254 37.59 13.06 -17.69
N LEU C 255 36.82 11.98 -17.82
CA LEU C 255 35.37 12.15 -18.01
C LEU C 255 34.65 12.45 -16.70
N PRO C 256 34.85 11.66 -15.63
CA PRO C 256 34.16 11.97 -14.37
C PRO C 256 34.47 13.34 -13.82
N LEU C 257 35.68 13.86 -14.02
CA LEU C 257 35.97 15.22 -13.58
C LEU C 257 35.04 16.23 -14.24
N GLY C 258 34.90 16.12 -15.56
CA GLY C 258 34.00 17.01 -16.27
C GLY C 258 32.57 16.88 -15.81
N ILE C 259 32.10 15.64 -15.63
CA ILE C 259 30.71 15.45 -15.22
C ILE C 259 30.48 16.03 -13.83
N ILE C 260 31.40 15.76 -12.90
CA ILE C 260 31.27 16.26 -11.54
C ILE C 260 31.25 17.78 -11.52
N LEU C 261 32.19 18.40 -12.24
CA LEU C 261 32.25 19.86 -12.26
C LEU C 261 31.00 20.47 -12.86
N PHE C 262 30.51 19.90 -13.97
CA PHE C 262 29.30 20.43 -14.59
C PHE C 262 28.11 20.31 -13.66
N CYS C 263 27.92 19.15 -13.04
CA CYS C 263 26.79 18.95 -12.14
C CYS C 263 26.87 19.90 -10.95
N SER C 264 28.05 20.02 -10.34
CA SER C 264 28.19 20.89 -9.19
C SER C 264 27.95 22.35 -9.55
N ALA C 265 28.50 22.80 -10.69
CA ALA C 265 28.29 24.18 -11.10
C ALA C 265 26.82 24.47 -11.36
N ARG C 266 26.14 23.54 -12.04
CA ARG C 266 24.72 23.76 -12.31
C ARG C 266 23.91 23.78 -11.01
N ILE C 267 24.23 22.89 -10.06
CA ILE C 267 23.50 22.88 -8.80
C ILE C 267 23.71 24.18 -8.05
N ILE C 268 24.96 24.66 -7.99
CA ILE C 268 25.24 25.91 -7.27
C ILE C 268 24.51 27.07 -7.93
N TRP C 269 24.57 27.15 -9.26
CA TRP C 269 23.90 28.24 -9.97
C TRP C 269 22.40 28.22 -9.73
N SER C 270 21.78 27.04 -9.83
CA SER C 270 20.34 26.93 -9.64
C SER C 270 19.94 27.30 -8.21
N LEU C 271 20.68 26.81 -7.22
CA LEU C 271 20.32 27.10 -5.84
C LEU C 271 20.56 28.57 -5.49
N ARG C 272 21.56 29.20 -6.11
CA ARG C 272 21.82 30.61 -5.85
C ARG C 272 20.79 31.50 -6.54
N GLN C 273 20.33 31.12 -7.72
CA GLN C 273 19.42 31.98 -8.47
C GLN C 273 17.98 31.87 -7.97
N ARG C 274 17.67 30.89 -7.11
CA ARG C 274 16.32 30.74 -6.58
C ARG C 274 16.11 31.54 -5.30
N GLN C 275 17.10 32.31 -4.85
CA GLN C 275 17.04 33.22 -3.71
C GLN C 275 17.03 32.43 -2.40
N MET C 276 17.02 31.10 -2.45
CA MET C 276 16.98 30.27 -1.26
C MET C 276 18.34 30.12 -0.59
N ASP C 277 19.31 30.96 -0.92
CA ASP C 277 20.64 30.87 -0.36
C ASP C 277 20.76 31.53 1.00
N ARG C 278 19.69 32.14 1.51
CA ARG C 278 19.75 32.80 2.81
C ARG C 278 19.74 31.80 3.97
N HIS C 279 19.28 30.58 3.74
CA HIS C 279 19.24 29.58 4.80
C HIS C 279 20.64 29.11 5.15
N ALA C 280 20.91 28.99 6.45
CA ALA C 280 22.21 28.49 6.89
C ALA C 280 22.41 27.03 6.50
N LYS C 281 21.35 26.23 6.59
CA LYS C 281 21.45 24.84 6.18
C LYS C 281 21.66 24.72 4.67
N ILE C 282 21.09 25.64 3.90
CA ILE C 282 21.38 25.69 2.47
C ILE C 282 22.86 25.98 2.25
N LYS C 283 23.42 26.89 3.05
CA LYS C 283 24.85 27.19 2.93
C LYS C 283 25.70 25.97 3.27
N ARG C 284 25.31 25.23 4.31
CA ARG C 284 26.03 24.00 4.66
C ARG C 284 25.95 22.99 3.52
N ALA C 285 24.77 22.86 2.90
CA ALA C 285 24.61 21.97 1.76
C ALA C 285 25.52 22.38 0.61
N ILE C 286 25.61 23.69 0.35
CA ILE C 286 26.49 24.19 -0.69
C ILE C 286 27.95 23.84 -0.38
N THR C 287 28.35 24.07 0.87
CA THR C 287 29.73 23.77 1.25
C THR C 287 30.05 22.30 1.09
N PHE C 288 29.11 21.42 1.47
CA PHE C 288 29.37 19.98 1.34
C PHE C 288 29.41 19.54 -0.12
N ILE C 289 28.46 20.01 -0.93
CA ILE C 289 28.45 19.65 -2.34
C ILE C 289 29.66 20.22 -3.07
N MET C 290 30.30 21.24 -2.51
CA MET C 290 31.55 21.71 -3.09
C MET C 290 32.75 20.90 -2.58
N VAL C 291 32.76 20.58 -1.28
CA VAL C 291 33.94 19.93 -0.71
C VAL C 291 34.06 18.50 -1.20
N VAL C 292 32.95 17.87 -1.60
CA VAL C 292 33.05 16.53 -2.17
C VAL C 292 33.85 16.58 -3.48
N ALA C 293 33.56 17.55 -4.33
CA ALA C 293 34.35 17.71 -5.55
C ALA C 293 35.78 18.13 -5.24
N ILE C 294 35.96 18.96 -4.21
CA ILE C 294 37.30 19.39 -3.83
C ILE C 294 38.15 18.20 -3.42
N VAL C 295 37.61 17.31 -2.58
CA VAL C 295 38.40 16.16 -2.12
C VAL C 295 38.64 15.20 -3.28
N PHE C 296 37.63 15.01 -4.14
CA PHE C 296 37.82 14.17 -5.32
C PHE C 296 38.99 14.68 -6.16
N VAL C 297 39.01 15.98 -6.44
CA VAL C 297 40.06 16.56 -7.28
C VAL C 297 41.41 16.44 -6.60
N ILE C 298 41.50 16.85 -5.32
CA ILE C 298 42.78 16.87 -4.64
C ILE C 298 43.32 15.46 -4.45
N CYS C 299 42.46 14.45 -4.47
CA CYS C 299 42.94 13.09 -4.29
C CYS C 299 43.18 12.35 -5.60
N PHE C 300 42.65 12.83 -6.73
CA PHE C 300 42.86 12.13 -7.99
C PHE C 300 43.74 12.86 -8.99
N LEU C 301 43.88 14.18 -8.89
CA LEU C 301 44.70 14.92 -9.85
C LEU C 301 46.18 14.53 -9.84
N PRO C 302 46.86 14.41 -8.68
CA PRO C 302 48.30 14.11 -8.74
C PRO C 302 48.63 12.80 -9.44
N SER C 303 47.81 11.76 -9.26
CA SER C 303 48.09 10.48 -9.91
C SER C 303 48.05 10.62 -11.43
N VAL C 304 47.02 11.29 -11.95
CA VAL C 304 46.87 11.39 -13.39
C VAL C 304 47.94 12.34 -13.98
N VAL C 305 48.31 13.39 -13.24
CA VAL C 305 49.35 14.25 -13.79
C VAL C 305 50.70 13.54 -13.76
N VAL C 306 50.94 12.66 -12.78
CA VAL C 306 52.15 11.85 -12.81
C VAL C 306 52.11 10.87 -13.98
N ARG C 307 50.92 10.33 -14.29
CA ARG C 307 50.77 9.52 -15.48
C ARG C 307 51.15 10.29 -16.74
N ILE C 308 50.70 11.55 -16.82
CA ILE C 308 51.02 12.39 -17.97
C ILE C 308 52.52 12.63 -18.04
N ARG C 309 53.15 12.88 -16.89
CA ARG C 309 54.60 13.06 -16.85
C ARG C 309 55.33 11.82 -17.35
N ILE C 310 54.88 10.64 -16.91
CA ILE C 310 55.48 9.38 -17.35
C ILE C 310 55.35 9.23 -18.86
N PHE C 311 54.15 9.49 -19.39
CA PHE C 311 53.92 9.36 -20.83
C PHE C 311 54.83 10.31 -21.61
N TRP C 312 54.90 11.57 -21.16
CA TRP C 312 55.72 12.56 -21.86
C TRP C 312 57.20 12.19 -21.82
N LEU C 313 57.69 11.78 -20.65
CA LEU C 313 59.10 11.41 -20.53
C LEU C 313 59.43 10.19 -21.37
N LEU C 314 58.62 9.13 -21.25
CA LEU C 314 58.86 7.94 -22.09
C LEU C 314 58.85 8.43 -23.53
N HIS C 315 58.05 9.46 -23.82
CA HIS C 315 57.94 9.92 -25.22
C HIS C 315 59.14 10.80 -25.57
N THR C 316 59.35 11.90 -24.83
CA THR C 316 60.40 12.85 -25.22
C THR C 316 61.75 12.20 -25.22
N SER C 317 61.82 10.99 -24.64
CA SER C 317 63.16 10.34 -24.43
C SER C 317 63.11 8.80 -24.46
N GLY C 318 62.08 8.16 -25.00
CA GLY C 318 62.13 6.68 -25.09
C GLY C 318 62.51 6.03 -23.76
N THR C 319 62.93 4.75 -23.78
CA THR C 319 63.28 4.02 -22.53
C THR C 319 64.79 3.76 -22.49
N GLN C 320 65.54 4.40 -23.39
CA GLN C 320 67.01 4.23 -23.42
C GLN C 320 67.53 4.23 -21.98
N ASN C 321 67.00 5.12 -21.14
CA ASN C 321 67.56 5.27 -19.78
C ASN C 321 66.48 5.19 -18.71
N CYS C 322 66.74 4.44 -17.67
CA CYS C 322 65.85 4.33 -16.52
C CYS C 322 66.41 4.94 -15.26
N GLU C 323 67.59 5.58 -15.33
CA GLU C 323 68.24 6.09 -14.12
C GLU C 323 67.39 7.17 -13.45
N VAL C 324 66.79 8.05 -14.23
CA VAL C 324 66.03 9.18 -13.67
C VAL C 324 64.65 8.76 -13.16
N TYR C 325 64.18 7.57 -13.53
CA TYR C 325 62.79 7.19 -13.27
C TYR C 325 62.55 6.69 -11.85
N ARG C 326 63.59 6.48 -11.05
CA ARG C 326 63.38 5.95 -9.69
C ARG C 326 62.57 6.92 -8.83
N SER C 327 62.95 8.20 -8.85
CA SER C 327 62.24 9.20 -8.05
C SER C 327 60.80 9.34 -8.52
N VAL C 328 60.59 9.35 -9.84
CA VAL C 328 59.23 9.51 -10.34
C VAL C 328 58.39 8.28 -10.05
N ASP C 329 59.01 7.09 -9.98
CA ASP C 329 58.27 5.89 -9.60
C ASP C 329 57.88 5.92 -8.13
N LEU C 330 58.79 6.38 -7.27
CA LEU C 330 58.46 6.54 -5.86
C LEU C 330 57.33 7.53 -5.68
N ALA C 331 57.38 8.66 -6.40
CA ALA C 331 56.29 9.61 -6.38
C ALA C 331 55.01 8.99 -6.91
N PHE C 332 55.13 8.16 -7.94
CA PHE C 332 53.98 7.47 -8.52
C PHE C 332 53.27 6.63 -7.47
N PHE C 333 54.02 5.86 -6.69
CA PHE C 333 53.37 5.01 -5.70
C PHE C 333 52.84 5.81 -4.52
N ILE C 334 53.59 6.81 -4.05
CA ILE C 334 53.08 7.59 -2.92
C ILE C 334 51.86 8.40 -3.32
N THR C 335 51.70 8.74 -4.60
CA THR C 335 50.49 9.43 -5.03
C THR C 335 49.37 8.47 -5.43
N LEU C 336 49.73 7.20 -5.64
CA LEU C 336 48.72 6.13 -5.91
C LEU C 336 48.13 5.77 -4.56
N SER C 337 48.81 6.06 -3.48
CA SER C 337 48.23 5.94 -2.14
C SER C 337 47.13 6.97 -1.89
N PHE C 338 47.12 8.08 -2.64
CA PHE C 338 46.03 9.05 -2.51
C PHE C 338 44.69 8.48 -2.95
N THR C 339 44.68 7.55 -3.90
CA THR C 339 43.42 6.90 -4.25
C THR C 339 42.89 6.09 -3.07
N TYR C 340 43.77 5.35 -2.40
CA TYR C 340 43.36 4.57 -1.24
C TYR C 340 42.87 5.46 -0.11
N MET C 341 43.55 6.58 0.13
CA MET C 341 43.05 7.45 1.19
C MET C 341 41.77 8.20 0.78
N ASN C 342 41.57 8.49 -0.51
CA ASN C 342 40.29 9.03 -0.95
C ASN C 342 39.18 8.03 -0.69
N SER C 343 39.45 6.75 -0.93
CA SER C 343 38.51 5.71 -0.54
C SER C 343 38.27 5.71 0.97
N MET C 344 39.33 5.91 1.76
CA MET C 344 39.22 5.92 3.21
C MET C 344 38.48 7.13 3.75
N LEU C 345 38.37 8.21 2.97
CA LEU C 345 37.69 9.43 3.39
C LEU C 345 36.24 9.48 2.92
N ASP C 346 35.55 8.35 2.88
CA ASP C 346 34.12 8.33 2.59
C ASP C 346 33.18 8.91 3.65
N PRO C 347 33.49 8.98 4.95
CA PRO C 347 32.45 9.38 5.91
C PRO C 347 31.97 10.81 5.73
N VAL C 348 32.72 11.65 5.03
CA VAL C 348 32.27 13.03 4.80
C VAL C 348 30.97 13.03 4.00
N VAL C 349 30.88 12.19 2.97
CA VAL C 349 29.66 12.13 2.17
C VAL C 349 28.49 11.57 2.97
N TYR C 350 28.76 10.71 3.96
CA TYR C 350 27.68 10.00 4.64
C TYR C 350 27.21 10.73 5.90
N TYR C 351 28.09 10.87 6.89
CA TYR C 351 27.63 11.22 8.23
C TYR C 351 27.44 12.72 8.41
N PHE C 352 28.49 13.51 8.18
CA PHE C 352 28.39 14.94 8.43
C PHE C 352 27.43 15.63 7.47
N SER C 353 27.08 14.98 6.37
CA SER C 353 26.17 15.55 5.38
C SER C 353 24.78 15.80 5.97
N SER C 354 24.19 14.76 6.57
CA SER C 354 22.86 14.90 7.16
C SER C 354 22.92 14.66 8.66
N PRO C 355 22.11 15.39 9.44
CA PRO C 355 22.10 15.17 10.89
C PRO C 355 21.49 13.85 11.33
N SER C 356 20.83 13.12 10.43
CA SER C 356 20.15 11.89 10.81
C SER C 356 21.14 10.82 11.29
N PHE C 357 22.26 10.67 10.58
CA PHE C 357 23.25 9.67 10.97
C PHE C 357 23.91 9.97 12.32
N PRO C 358 24.27 11.21 12.66
CA PRO C 358 24.68 11.47 14.06
C PRO C 358 23.62 11.10 15.07
N ASN C 359 22.35 11.31 14.75
CA ASN C 359 21.28 10.90 15.65
C ASN C 359 21.26 9.38 15.82
N PHE C 360 21.44 8.64 14.72
CA PHE C 360 21.51 7.19 14.81
C PHE C 360 22.71 6.74 15.62
N PHE C 361 23.85 7.40 15.44
CA PHE C 361 25.04 7.06 16.20
C PHE C 361 24.83 7.31 17.70
N ALA D 7 -34.25 28.17 27.31
CA ALA D 7 -34.42 27.01 26.44
C ALA D 7 -33.59 25.83 26.94
N SER D 8 -32.71 26.10 27.91
CA SER D 8 -31.87 25.06 28.47
C SER D 8 -32.70 24.02 29.23
N ILE D 9 -33.90 24.39 29.68
CA ILE D 9 -34.72 23.48 30.48
C ILE D 9 -35.11 22.25 29.67
N ALA D 10 -35.28 22.37 28.36
CA ALA D 10 -35.68 21.23 27.55
C ALA D 10 -34.63 20.14 27.57
N GLN D 11 -33.38 20.47 27.25
CA GLN D 11 -32.33 19.47 27.26
C GLN D 11 -31.95 19.06 28.67
N ALA D 12 -32.12 19.95 29.66
CA ALA D 12 -31.91 19.54 31.04
C ALA D 12 -32.90 18.46 31.45
N ARG D 13 -34.17 18.64 31.09
CA ARG D 13 -35.18 17.63 31.37
C ARG D 13 -34.90 16.34 30.61
N LYS D 14 -34.47 16.45 29.35
CA LYS D 14 -34.13 15.26 28.59
C LYS D 14 -32.99 14.49 29.25
N LEU D 15 -31.96 15.20 29.69
CA LEU D 15 -30.81 14.55 30.30
C LEU D 15 -31.20 13.90 31.62
N VAL D 16 -31.99 14.59 32.45
CA VAL D 16 -32.35 14.03 33.74
C VAL D 16 -33.28 12.83 33.58
N GLU D 17 -34.20 12.88 32.60
CA GLU D 17 -35.08 11.73 32.39
C GLU D 17 -34.28 10.55 31.83
N GLN D 18 -33.29 10.81 30.99
CA GLN D 18 -32.41 9.74 30.53
C GLN D 18 -31.66 9.11 31.71
N LEU D 19 -31.14 9.95 32.62
CA LEU D 19 -30.44 9.42 33.78
C LEU D 19 -31.35 8.58 34.66
N LYS D 20 -32.57 9.05 34.91
CA LYS D 20 -33.45 8.30 35.79
C LYS D 20 -33.96 7.02 35.13
N MET D 21 -34.11 7.03 33.80
CA MET D 21 -34.48 5.81 33.10
C MET D 21 -33.34 4.79 33.13
N GLU D 22 -32.09 5.27 33.01
CA GLU D 22 -30.95 4.36 33.05
C GLU D 22 -30.69 3.84 34.46
N ALA D 23 -31.02 4.64 35.48
CA ALA D 23 -30.72 4.26 36.86
C ALA D 23 -31.53 3.07 37.33
N ASN D 24 -32.63 2.74 36.65
CA ASN D 24 -33.50 1.65 37.07
C ASN D 24 -33.11 0.31 36.46
N ILE D 25 -32.02 0.25 35.70
CA ILE D 25 -31.58 -1.00 35.10
C ILE D 25 -31.05 -1.93 36.20
N ASP D 26 -31.55 -3.15 36.22
CA ASP D 26 -31.14 -4.12 37.23
C ASP D 26 -29.67 -4.51 37.03
N ARG D 27 -28.97 -4.70 38.14
CA ARG D 27 -27.57 -5.10 38.13
C ARG D 27 -27.40 -6.38 38.91
N ILE D 28 -26.62 -7.31 38.36
CA ILE D 28 -26.32 -8.56 39.01
C ILE D 28 -24.95 -8.46 39.67
N LYS D 29 -24.63 -9.44 40.50
CA LYS D 29 -23.37 -9.43 41.23
C LYS D 29 -22.19 -9.54 40.26
N VAL D 30 -21.14 -8.75 40.51
CA VAL D 30 -19.99 -8.73 39.61
C VAL D 30 -19.29 -10.08 39.58
N SER D 31 -19.19 -10.73 40.74
CA SER D 31 -18.51 -12.02 40.80
C SER D 31 -19.21 -13.06 39.93
N LYS D 32 -20.54 -13.05 39.92
CA LYS D 32 -21.28 -14.01 39.09
C LYS D 32 -21.02 -13.77 37.61
N ALA D 33 -21.01 -12.50 37.19
CA ALA D 33 -20.74 -12.19 35.79
C ALA D 33 -19.32 -12.60 35.41
N ALA D 34 -18.35 -12.34 36.29
CA ALA D 34 -16.99 -12.75 36.03
C ALA D 34 -16.87 -14.27 35.91
N ALA D 35 -17.56 -14.99 36.79
CA ALA D 35 -17.54 -16.45 36.72
C ALA D 35 -18.17 -16.95 35.43
N ASP D 36 -19.27 -16.34 35.00
CA ASP D 36 -19.90 -16.74 33.75
C ASP D 36 -18.98 -16.48 32.56
N LEU D 37 -18.32 -15.32 32.54
CA LEU D 37 -17.37 -15.03 31.47
C LEU D 37 -16.22 -16.02 31.47
N MET D 38 -15.71 -16.36 32.67
CA MET D 38 -14.65 -17.35 32.77
C MET D 38 -15.09 -18.70 32.24
N ALA D 39 -16.31 -19.13 32.58
CA ALA D 39 -16.82 -20.40 32.09
C ALA D 39 -16.95 -20.40 30.58
N TYR D 40 -17.45 -19.29 30.01
CA TYR D 40 -17.56 -19.20 28.56
C TYR D 40 -16.19 -19.25 27.90
N CYS D 41 -15.21 -18.55 28.47
CA CYS D 41 -13.87 -18.56 27.88
C CYS D 41 -13.23 -19.95 27.96
N GLU D 42 -13.43 -20.64 29.07
CA GLU D 42 -12.85 -21.97 29.22
C GLU D 42 -13.55 -22.99 28.32
N ALA D 43 -14.85 -22.83 28.11
CA ALA D 43 -15.61 -23.81 27.34
C ALA D 43 -15.28 -23.81 25.86
N HIS D 44 -14.61 -22.77 25.36
CA HIS D 44 -14.28 -22.67 23.94
C HIS D 44 -12.77 -22.62 23.70
N ALA D 45 -11.97 -23.10 24.66
CA ALA D 45 -10.53 -23.07 24.51
C ALA D 45 -10.05 -24.00 23.40
N LYS D 46 -10.77 -25.10 23.16
CA LYS D 46 -10.36 -26.07 22.15
C LYS D 46 -10.81 -25.69 20.74
N GLU D 47 -11.68 -24.68 20.60
CA GLU D 47 -12.15 -24.25 19.29
C GLU D 47 -11.48 -22.95 18.84
N ASP D 48 -10.42 -22.54 19.52
CA ASP D 48 -9.71 -21.31 19.16
C ASP D 48 -8.35 -21.66 18.60
N PRO D 49 -8.13 -21.55 17.29
CA PRO D 49 -6.83 -21.90 16.71
C PRO D 49 -5.75 -20.86 16.88
N LEU D 50 -5.95 -19.85 17.72
CA LEU D 50 -4.94 -18.83 17.98
C LEU D 50 -4.13 -19.12 19.24
N LEU D 51 -4.81 -19.40 20.36
CA LEU D 51 -4.10 -19.70 21.60
C LEU D 51 -3.43 -21.07 21.53
N THR D 52 -4.05 -22.02 20.82
CA THR D 52 -3.42 -23.30 20.52
C THR D 52 -2.94 -23.28 19.07
N PRO D 53 -1.64 -23.47 18.81
CA PRO D 53 -1.15 -23.43 17.43
C PRO D 53 -1.78 -24.53 16.58
N VAL D 54 -2.45 -24.12 15.51
CA VAL D 54 -3.13 -25.07 14.63
C VAL D 54 -2.09 -25.90 13.88
N PRO D 55 -2.30 -27.20 13.72
CA PRO D 55 -1.36 -28.00 12.90
C PRO D 55 -1.42 -27.57 11.44
N ALA D 56 -0.28 -27.74 10.76
CA ALA D 56 -0.18 -27.36 9.36
C ALA D 56 -1.06 -28.22 8.46
N SER D 57 -1.50 -29.39 8.93
CA SER D 57 -2.38 -30.23 8.13
C SER D 57 -3.72 -29.56 7.88
N GLU D 58 -4.28 -28.91 8.90
CA GLU D 58 -5.56 -28.24 8.78
C GLU D 58 -5.45 -26.75 8.53
N ASN D 59 -4.29 -26.15 8.75
CA ASN D 59 -4.10 -24.73 8.53
C ASN D 59 -4.16 -24.42 7.03
N PRO D 60 -5.08 -23.58 6.57
CA PRO D 60 -5.10 -23.24 5.14
C PRO D 60 -4.05 -22.23 4.74
N PHE D 61 -3.45 -21.53 5.70
CA PHE D 61 -2.43 -20.52 5.40
C PHE D 61 -1.03 -21.16 5.41
N ARG D 62 -0.87 -22.18 4.58
CA ARG D 62 0.39 -22.89 4.48
C ARG D 62 1.39 -22.11 3.63
N ASP E 1 -32.03 -5.70 -20.50
CA ASP E 1 -30.72 -5.75 -19.85
C ASP E 1 -29.68 -6.42 -20.74
N VAL E 2 -29.11 -7.51 -20.25
CA VAL E 2 -28.10 -8.24 -21.00
C VAL E 2 -28.74 -8.92 -22.20
N GLN E 3 -28.09 -8.82 -23.36
CA GLN E 3 -28.58 -9.44 -24.58
C GLN E 3 -27.40 -9.68 -25.51
N LEU E 4 -27.25 -10.91 -25.98
CA LEU E 4 -26.18 -11.29 -26.89
C LEU E 4 -26.81 -11.65 -28.24
N VAL E 5 -26.33 -10.99 -29.30
CA VAL E 5 -26.81 -11.23 -30.65
C VAL E 5 -25.61 -11.54 -31.54
N GLU E 6 -25.76 -12.54 -32.39
CA GLU E 6 -24.72 -12.93 -33.33
C GLU E 6 -25.35 -13.29 -34.66
N SER E 7 -24.54 -13.21 -35.72
CA SER E 7 -25.01 -13.45 -37.07
C SER E 7 -23.82 -13.81 -37.94
N GLY E 8 -24.11 -14.27 -39.16
CA GLY E 8 -23.07 -14.62 -40.10
C GLY E 8 -23.11 -16.06 -40.57
N GLY E 9 -24.28 -16.67 -40.54
CA GLY E 9 -24.47 -18.04 -40.98
C GLY E 9 -24.79 -18.13 -42.46
N GLY E 10 -25.55 -19.16 -42.81
CA GLY E 10 -26.00 -19.36 -44.18
C GLY E 10 -25.27 -20.51 -44.87
N LEU E 11 -25.69 -20.77 -46.10
CA LEU E 11 -25.11 -21.85 -46.88
C LEU E 11 -23.72 -21.46 -47.36
N VAL E 12 -22.75 -22.36 -47.15
CA VAL E 12 -21.36 -22.14 -47.55
C VAL E 12 -20.86 -23.37 -48.28
N GLN E 13 -20.22 -23.16 -49.43
CA GLN E 13 -19.62 -24.26 -50.16
C GLN E 13 -18.40 -24.79 -49.40
N PRO E 14 -18.08 -26.08 -49.57
CA PRO E 14 -16.92 -26.64 -48.88
C PRO E 14 -15.62 -25.96 -49.31
N GLY E 15 -14.69 -25.88 -48.36
CA GLY E 15 -13.40 -25.26 -48.61
C GLY E 15 -13.39 -23.75 -48.54
N GLY E 16 -14.51 -23.11 -48.22
CA GLY E 16 -14.58 -21.68 -48.17
C GLY E 16 -14.14 -21.11 -46.84
N SER E 17 -14.45 -19.82 -46.64
CA SER E 17 -14.10 -19.12 -45.43
C SER E 17 -15.24 -18.17 -45.06
N ARG E 18 -15.50 -18.04 -43.77
CA ARG E 18 -16.58 -17.18 -43.29
C ARG E 18 -16.17 -16.55 -41.98
N LYS E 19 -16.91 -15.52 -41.58
CA LYS E 19 -16.68 -14.81 -40.32
C LYS E 19 -17.98 -14.76 -39.54
N LEU E 20 -17.93 -15.23 -38.30
CA LEU E 20 -19.07 -15.17 -37.38
C LEU E 20 -18.79 -14.08 -36.36
N SER E 21 -19.74 -13.14 -36.21
CA SER E 21 -19.58 -11.99 -35.34
C SER E 21 -20.54 -12.09 -34.17
N CYS E 22 -20.01 -12.00 -32.96
CA CYS E 22 -20.80 -12.01 -31.73
C CYS E 22 -20.86 -10.58 -31.21
N SER E 23 -22.06 -9.99 -31.26
CA SER E 23 -22.26 -8.62 -30.79
C SER E 23 -22.80 -8.67 -29.36
N ALA E 24 -22.07 -8.03 -28.45
CA ALA E 24 -22.42 -8.01 -27.04
C ALA E 24 -22.87 -6.61 -26.65
N SER E 25 -23.99 -6.54 -25.92
CA SER E 25 -24.53 -5.26 -25.48
C SER E 25 -25.24 -5.44 -24.15
N GLY E 26 -25.11 -4.44 -23.27
CA GLY E 26 -25.79 -4.45 -22.00
C GLY E 26 -24.95 -4.86 -20.81
N PHE E 27 -23.66 -5.11 -20.99
CA PHE E 27 -22.80 -5.51 -19.89
C PHE E 27 -21.36 -5.14 -20.22
N ALA E 28 -20.52 -5.16 -19.18
CA ALA E 28 -19.10 -4.82 -19.32
C ALA E 28 -18.38 -5.98 -20.01
N PHE E 29 -18.52 -6.02 -21.33
CA PHE E 29 -17.94 -7.09 -22.13
C PHE E 29 -16.41 -7.06 -22.12
N SER E 30 -15.80 -5.95 -21.71
CA SER E 30 -14.35 -5.85 -21.72
C SER E 30 -13.70 -6.76 -20.69
N SER E 31 -14.42 -7.11 -19.62
CA SER E 31 -13.86 -7.90 -18.53
C SER E 31 -14.42 -9.31 -18.47
N PHE E 32 -14.90 -9.84 -19.59
CA PHE E 32 -15.49 -11.18 -19.66
C PHE E 32 -14.79 -12.02 -20.72
N GLY E 33 -14.67 -13.31 -20.44
CA GLY E 33 -14.11 -14.23 -21.41
C GLY E 33 -15.16 -14.96 -22.20
N MET E 34 -15.37 -14.56 -23.45
CA MET E 34 -16.40 -15.16 -24.28
C MET E 34 -15.93 -16.50 -24.84
N HIS E 35 -16.73 -17.53 -24.66
CA HIS E 35 -16.45 -18.86 -25.18
C HIS E 35 -17.10 -19.02 -26.56
N TRP E 36 -17.12 -20.24 -27.06
CA TRP E 36 -17.78 -20.55 -28.32
C TRP E 36 -18.18 -22.03 -28.30
N VAL E 37 -19.48 -22.31 -28.43
CA VAL E 37 -20.00 -23.66 -28.36
C VAL E 37 -20.88 -23.91 -29.57
N ARG E 38 -20.66 -25.04 -30.25
CA ARG E 38 -21.50 -25.45 -31.36
C ARG E 38 -22.42 -26.59 -30.94
N GLN E 39 -23.49 -26.76 -31.70
CA GLN E 39 -24.42 -27.86 -31.51
C GLN E 39 -24.68 -28.53 -32.84
N ALA E 40 -24.48 -29.84 -32.89
CA ALA E 40 -24.80 -30.60 -34.10
C ALA E 40 -26.31 -30.60 -34.33
N PRO E 41 -26.74 -30.73 -35.59
CA PRO E 41 -28.18 -30.69 -35.87
C PRO E 41 -28.99 -31.75 -35.13
N GLU E 42 -28.39 -32.90 -34.83
CA GLU E 42 -29.12 -33.96 -34.14
C GLU E 42 -28.27 -34.63 -33.07
N LYS E 43 -27.38 -33.89 -32.42
CA LYS E 43 -26.51 -34.46 -31.39
C LYS E 43 -26.33 -33.42 -30.29
N GLY E 44 -25.38 -33.70 -29.39
CA GLY E 44 -25.14 -32.83 -28.25
C GLY E 44 -24.22 -31.67 -28.57
N LEU E 45 -24.04 -30.82 -27.55
CA LEU E 45 -23.20 -29.64 -27.70
C LEU E 45 -21.73 -30.02 -27.79
N GLU E 46 -20.95 -29.17 -28.48
CA GLU E 46 -19.53 -29.37 -28.64
C GLU E 46 -18.80 -28.05 -28.48
N TRP E 47 -17.54 -28.13 -28.08
CA TRP E 47 -16.73 -26.95 -27.80
C TRP E 47 -15.98 -26.48 -29.04
N VAL E 48 -15.66 -25.19 -29.07
CA VAL E 48 -14.94 -24.61 -30.20
C VAL E 48 -13.63 -23.98 -29.72
N ALA E 49 -13.75 -22.93 -28.91
CA ALA E 49 -12.59 -22.12 -28.55
C ALA E 49 -12.95 -21.26 -27.35
N TYR E 50 -11.94 -20.60 -26.80
CA TYR E 50 -12.14 -19.70 -25.67
C TYR E 50 -11.10 -18.60 -25.71
N ILE E 51 -11.57 -17.36 -25.51
CA ILE E 51 -10.70 -16.19 -25.45
C ILE E 51 -10.97 -15.48 -24.14
N SER E 52 -9.91 -15.15 -23.40
CA SER E 52 -10.04 -14.56 -22.08
C SER E 52 -10.18 -13.05 -22.18
N SER E 53 -10.18 -12.39 -21.04
CA SER E 53 -10.25 -10.93 -20.98
C SER E 53 -8.91 -10.34 -21.39
N GLY E 54 -8.93 -9.42 -22.35
CA GLY E 54 -7.71 -8.86 -22.87
C GLY E 54 -6.96 -9.74 -23.83
N SER E 55 -7.56 -10.86 -24.26
CA SER E 55 -6.92 -11.81 -25.18
C SER E 55 -5.60 -12.34 -24.61
N GLY E 56 -5.55 -12.53 -23.30
CA GLY E 56 -4.33 -13.06 -22.69
C GLY E 56 -4.03 -14.48 -23.11
N THR E 57 -5.05 -15.33 -23.11
CA THR E 57 -4.90 -16.72 -23.52
C THR E 57 -6.03 -17.10 -24.47
N ILE E 58 -5.73 -17.99 -25.40
CA ILE E 58 -6.71 -18.49 -26.37
C ILE E 58 -6.49 -19.99 -26.53
N TYR E 59 -7.58 -20.76 -26.50
CA TYR E 59 -7.54 -22.20 -26.65
C TYR E 59 -8.45 -22.62 -27.79
N TYR E 60 -8.19 -23.80 -28.34
CA TYR E 60 -9.02 -24.37 -29.39
C TYR E 60 -9.26 -25.84 -29.10
N ALA E 61 -10.26 -26.41 -29.79
CA ALA E 61 -10.56 -27.82 -29.67
C ALA E 61 -9.56 -28.65 -30.47
N ASP E 62 -9.72 -29.97 -30.42
CA ASP E 62 -8.79 -30.85 -31.11
C ASP E 62 -8.86 -30.70 -32.62
N THR E 63 -10.07 -30.75 -33.18
CA THR E 63 -10.28 -30.65 -34.61
C THR E 63 -10.61 -29.24 -35.06
N VAL E 64 -10.17 -28.22 -34.32
CA VAL E 64 -10.49 -26.84 -34.63
C VAL E 64 -9.20 -26.03 -34.72
N LYS E 65 -8.15 -26.51 -34.07
CA LYS E 65 -6.89 -25.78 -34.02
C LYS E 65 -6.33 -25.54 -35.42
N GLY E 66 -5.91 -24.32 -35.68
CA GLY E 66 -5.37 -23.92 -36.98
C GLY E 66 -6.42 -23.51 -37.99
N ARG E 67 -7.56 -24.20 -38.01
CA ARG E 67 -8.60 -23.87 -38.99
C ARG E 67 -9.36 -22.62 -38.60
N PHE E 68 -9.60 -22.41 -37.31
CA PHE E 68 -10.40 -21.30 -36.83
C PHE E 68 -9.53 -20.29 -36.08
N THR E 69 -10.08 -19.09 -35.91
CA THR E 69 -9.40 -18.01 -35.20
C THR E 69 -10.45 -17.19 -34.46
N ILE E 70 -10.21 -16.94 -33.18
CA ILE E 70 -11.14 -16.22 -32.32
C ILE E 70 -10.49 -14.92 -31.89
N SER E 71 -11.21 -13.81 -32.06
CA SER E 71 -10.72 -12.50 -31.64
C SER E 71 -11.91 -11.64 -31.23
N ARG E 72 -11.63 -10.63 -30.41
CA ARG E 72 -12.68 -9.75 -29.91
C ARG E 72 -12.41 -8.30 -30.28
N LYS E 76 -15.04 -2.24 -28.43
CA LYS E 76 -16.15 -2.01 -29.35
C LYS E 76 -17.31 -2.95 -29.05
N ASN E 77 -17.11 -3.83 -28.06
CA ASN E 77 -18.13 -4.78 -27.61
C ASN E 77 -18.57 -5.70 -28.75
N THR E 78 -17.60 -6.37 -29.37
CA THR E 78 -17.86 -7.29 -30.48
C THR E 78 -16.82 -8.40 -30.47
N LEU E 79 -17.30 -9.63 -30.70
CA LEU E 79 -16.44 -10.81 -30.75
C LEU E 79 -16.50 -11.40 -32.15
N PHE E 80 -15.35 -11.84 -32.65
CA PHE E 80 -15.22 -12.35 -34.01
C PHE E 80 -14.63 -13.75 -34.00
N LEU E 81 -15.07 -14.58 -34.94
CA LEU E 81 -14.53 -15.93 -35.12
C LEU E 81 -14.24 -16.12 -36.60
N GLN E 82 -12.97 -16.37 -36.94
CA GLN E 82 -12.55 -16.56 -38.32
C GLN E 82 -12.62 -18.04 -38.67
N MET E 83 -13.13 -18.34 -39.86
CA MET E 83 -13.32 -19.71 -40.31
C MET E 83 -12.54 -19.94 -41.61
N THR E 84 -11.82 -21.05 -41.67
CA THR E 84 -11.06 -21.43 -42.85
C THR E 84 -11.26 -22.90 -43.15
N SER E 85 -11.53 -23.21 -44.42
CA SER E 85 -11.60 -24.58 -44.93
C SER E 85 -12.58 -25.43 -44.13
N LEU E 86 -13.85 -25.03 -44.20
CA LEU E 86 -14.91 -25.77 -43.53
C LEU E 86 -14.99 -27.19 -44.07
N ARG E 87 -15.05 -28.15 -43.15
CA ARG E 87 -15.17 -29.55 -43.51
C ARG E 87 -16.64 -29.91 -43.71
N SER E 88 -16.91 -31.20 -43.91
CA SER E 88 -18.29 -31.64 -44.10
C SER E 88 -19.09 -31.63 -42.80
N GLU E 89 -18.43 -31.87 -41.67
CA GLU E 89 -19.10 -31.94 -40.37
C GLU E 89 -19.08 -30.63 -39.62
N ASP E 90 -18.50 -29.58 -40.18
CA ASP E 90 -18.44 -28.29 -39.49
C ASP E 90 -19.79 -27.59 -39.41
N THR E 91 -20.79 -28.06 -40.12
CA THR E 91 -22.13 -27.47 -40.04
C THR E 91 -22.71 -27.71 -38.65
N ALA E 92 -23.20 -26.64 -38.02
CA ALA E 92 -23.72 -26.69 -36.67
C ALA E 92 -24.38 -25.36 -36.35
N MET E 93 -25.01 -25.30 -35.18
CA MET E 93 -25.55 -24.07 -34.63
C MET E 93 -24.54 -23.55 -33.61
N TYR E 94 -24.10 -22.30 -33.80
CA TYR E 94 -23.01 -21.75 -33.01
C TYR E 94 -23.56 -20.82 -31.93
N TYR E 95 -23.11 -21.03 -30.70
CA TYR E 95 -23.56 -20.25 -29.55
C TYR E 95 -22.40 -19.43 -29.01
N CYS E 96 -22.69 -18.17 -28.68
CA CYS E 96 -21.73 -17.27 -28.07
C CYS E 96 -22.00 -17.23 -26.57
N VAL E 97 -21.02 -17.65 -25.77
CA VAL E 97 -21.21 -17.86 -24.34
C VAL E 97 -20.29 -16.94 -23.56
N ARG E 98 -20.86 -16.21 -22.63
CA ARG E 98 -20.14 -15.30 -21.74
C ARG E 98 -19.86 -15.97 -20.40
N SER E 99 -18.75 -15.58 -19.79
CA SER E 99 -18.32 -16.20 -18.54
C SER E 99 -17.23 -15.37 -17.90
N ILE E 100 -17.39 -15.07 -16.61
CA ILE E 100 -16.39 -14.37 -15.81
C ILE E 100 -15.85 -15.32 -14.75
N TYR E 101 -14.55 -15.26 -14.51
CA TYR E 101 -13.86 -16.21 -13.63
C TYR E 101 -13.26 -15.46 -12.44
N TYR E 102 -13.86 -15.66 -11.27
CA TYR E 102 -13.26 -15.26 -10.01
C TYR E 102 -13.86 -16.17 -8.93
N TYR E 103 -13.38 -16.00 -7.70
CA TYR E 103 -13.86 -16.87 -6.63
C TYR E 103 -15.33 -16.57 -6.35
N GLY E 104 -16.17 -17.59 -6.49
CA GLY E 104 -17.60 -17.42 -6.32
C GLY E 104 -18.35 -16.94 -7.55
N SER E 105 -17.70 -16.88 -8.70
CA SER E 105 -18.33 -16.40 -9.91
C SER E 105 -19.24 -17.49 -10.50
N SER E 106 -19.94 -17.14 -11.57
CA SER E 106 -20.88 -18.04 -12.24
C SER E 106 -20.54 -18.12 -13.72
N PRO E 107 -19.55 -18.95 -14.08
CA PRO E 107 -19.21 -19.09 -15.50
C PRO E 107 -20.33 -19.71 -16.30
N PHE E 108 -20.36 -19.39 -17.60
CA PHE E 108 -21.33 -19.94 -18.53
C PHE E 108 -22.76 -19.63 -18.08
N ASP E 109 -22.96 -18.44 -17.54
CA ASP E 109 -24.28 -18.09 -17.00
C ASP E 109 -25.28 -17.74 -18.09
N PHE E 110 -24.83 -17.09 -19.16
CA PHE E 110 -25.71 -16.65 -20.23
C PHE E 110 -25.21 -17.18 -21.57
N TRP E 111 -26.14 -17.42 -22.48
CA TRP E 111 -25.84 -17.98 -23.79
C TRP E 111 -26.50 -17.13 -24.88
N GLY E 112 -25.87 -17.10 -26.04
CA GLY E 112 -26.39 -16.34 -27.15
C GLY E 112 -27.58 -17.01 -27.80
N GLN E 113 -28.13 -16.33 -28.80
CA GLN E 113 -29.33 -16.85 -29.47
C GLN E 113 -29.03 -18.03 -30.37
N GLY E 114 -27.88 -18.02 -31.05
CA GLY E 114 -27.51 -19.14 -31.89
C GLY E 114 -27.84 -18.94 -33.35
N THR E 115 -26.86 -19.19 -34.23
CA THR E 115 -27.04 -19.08 -35.67
C THR E 115 -26.74 -20.43 -36.31
N THR E 116 -27.67 -20.90 -37.13
CA THR E 116 -27.47 -22.15 -37.84
C THR E 116 -26.55 -21.95 -39.04
N LEU E 117 -25.84 -23.00 -39.41
CA LEU E 117 -24.93 -22.97 -40.55
C LEU E 117 -24.98 -24.31 -41.27
N THR E 118 -24.91 -24.26 -42.60
CA THR E 118 -24.97 -25.45 -43.43
C THR E 118 -23.83 -25.45 -44.43
N VAL E 119 -23.38 -26.65 -44.79
CA VAL E 119 -22.33 -26.84 -45.78
C VAL E 119 -22.80 -27.87 -46.80
N SER E 120 -22.21 -27.81 -47.98
CA SER E 120 -22.58 -28.71 -49.07
C SER E 120 -21.51 -29.77 -49.29
N GLY E 135 -6.96 -38.43 -27.55
CA GLY E 135 -7.28 -39.60 -26.75
C GLY E 135 -6.98 -39.41 -25.27
N SER E 136 -6.13 -38.44 -24.96
CA SER E 136 -5.74 -38.14 -23.60
C SER E 136 -6.65 -37.12 -22.92
N ASP E 137 -7.60 -36.54 -23.65
CA ASP E 137 -8.50 -35.57 -23.07
C ASP E 137 -9.51 -36.25 -22.13
N ILE E 138 -10.06 -35.46 -21.21
CA ILE E 138 -11.03 -35.95 -20.25
C ILE E 138 -12.36 -36.11 -20.97
N VAL E 139 -13.01 -37.26 -20.77
CA VAL E 139 -14.28 -37.56 -21.43
C VAL E 139 -15.31 -37.90 -20.37
N MET E 140 -16.54 -37.43 -20.56
CA MET E 140 -17.65 -37.73 -19.66
C MET E 140 -18.76 -38.39 -20.45
N THR E 141 -19.36 -39.42 -19.87
CA THR E 141 -20.42 -40.18 -20.51
C THR E 141 -21.70 -40.12 -19.70
N GLN E 142 -22.83 -40.08 -20.40
CA GLN E 142 -24.15 -40.12 -19.78
C GLN E 142 -24.74 -41.50 -20.02
N ALA E 143 -25.06 -42.20 -18.92
CA ALA E 143 -25.54 -43.57 -19.02
C ALA E 143 -26.86 -43.66 -19.79
N THR E 144 -27.78 -42.74 -19.52
CA THR E 144 -29.09 -42.74 -20.16
C THR E 144 -29.20 -41.57 -21.12
N SER E 145 -30.09 -41.71 -22.09
CA SER E 145 -30.36 -40.67 -23.08
C SER E 145 -31.78 -40.11 -22.98
N SER E 146 -32.77 -40.97 -22.80
CA SER E 146 -34.16 -40.55 -22.68
C SER E 146 -34.78 -41.22 -21.46
N VAL E 147 -35.40 -40.42 -20.61
CA VAL E 147 -36.07 -40.94 -19.40
C VAL E 147 -37.48 -40.33 -19.34
N PRO E 148 -38.53 -41.13 -19.51
CA PRO E 148 -39.88 -40.59 -19.39
C PRO E 148 -40.17 -40.14 -17.96
N VAL E 149 -40.84 -39.00 -17.84
CA VAL E 149 -41.16 -38.42 -16.55
C VAL E 149 -42.50 -37.70 -16.64
N THR E 150 -43.23 -37.70 -15.52
CA THR E 150 -44.52 -37.05 -15.41
C THR E 150 -44.44 -35.86 -14.48
N PRO E 151 -45.25 -34.81 -14.72
CA PRO E 151 -45.22 -33.65 -13.82
C PRO E 151 -45.62 -34.04 -12.40
N GLY E 152 -44.98 -33.39 -11.43
CA GLY E 152 -45.22 -33.65 -10.03
C GLY E 152 -44.38 -34.74 -9.42
N GLU E 153 -43.62 -35.48 -10.23
CA GLU E 153 -42.76 -36.55 -9.73
C GLU E 153 -41.34 -36.01 -9.56
N SER E 154 -40.40 -36.92 -9.30
CA SER E 154 -38.99 -36.58 -9.14
C SER E 154 -38.18 -37.33 -10.19
N VAL E 155 -37.27 -36.62 -10.84
CA VAL E 155 -36.44 -37.19 -11.89
C VAL E 155 -34.97 -37.00 -11.51
N SER E 156 -34.17 -38.04 -11.77
CA SER E 156 -32.76 -38.03 -11.45
C SER E 156 -31.96 -38.30 -12.71
N ILE E 157 -31.00 -37.43 -13.01
CA ILE E 157 -30.12 -37.57 -14.16
C ILE E 157 -28.68 -37.63 -13.66
N SER E 158 -27.94 -38.64 -14.10
CA SER E 158 -26.59 -38.88 -13.63
C SER E 158 -25.64 -39.05 -14.81
N CYS E 159 -24.45 -38.46 -14.70
CA CYS E 159 -23.39 -38.66 -15.67
C CYS E 159 -22.07 -38.90 -14.94
N ARG E 160 -21.24 -39.75 -15.53
CA ARG E 160 -19.97 -40.15 -14.93
C ARG E 160 -18.81 -39.57 -15.73
N SER E 161 -17.65 -39.53 -15.08
CA SER E 161 -16.43 -38.99 -15.68
C SER E 161 -15.31 -40.01 -15.55
N SER E 162 -14.38 -39.96 -16.51
CA SER E 162 -13.25 -40.88 -16.48
C SER E 162 -12.24 -40.50 -15.40
N LYS E 163 -11.99 -39.20 -15.24
CA LYS E 163 -11.05 -38.70 -14.26
C LYS E 163 -11.80 -37.98 -13.15
N SER E 164 -11.40 -38.23 -11.91
CA SER E 164 -12.04 -37.59 -10.77
C SER E 164 -11.88 -36.07 -10.85
N LEU E 165 -12.97 -35.36 -10.63
CA LEU E 165 -13.01 -33.91 -10.76
C LEU E 165 -12.73 -33.18 -9.46
N LEU E 166 -12.51 -33.89 -8.36
CA LEU E 166 -12.22 -33.26 -7.07
C LEU E 166 -10.79 -32.74 -7.13
N HIS E 167 -10.64 -31.44 -7.39
CA HIS E 167 -9.33 -30.84 -7.55
C HIS E 167 -8.69 -30.59 -6.19
N SER E 168 -7.51 -29.96 -6.20
CA SER E 168 -6.77 -29.74 -4.96
C SER E 168 -7.52 -28.82 -4.01
N ASN E 169 -8.11 -27.74 -4.53
CA ASN E 169 -8.79 -26.77 -3.67
C ASN E 169 -10.08 -27.29 -3.07
N GLY E 170 -10.56 -28.46 -3.51
CA GLY E 170 -11.79 -29.03 -3.02
C GLY E 170 -13.01 -28.76 -3.88
N ASN E 171 -12.94 -27.77 -4.77
CA ASN E 171 -14.04 -27.49 -5.67
C ASN E 171 -14.09 -28.53 -6.78
N THR E 172 -15.26 -29.11 -7.00
CA THR E 172 -15.48 -30.05 -8.10
C THR E 172 -16.10 -29.29 -9.26
N TYR E 173 -15.50 -29.45 -10.44
CA TYR E 173 -15.89 -28.65 -11.62
C TYR E 173 -16.83 -29.47 -12.49
N LEU E 174 -18.07 -29.57 -12.06
CA LEU E 174 -19.13 -30.20 -12.84
C LEU E 174 -20.28 -29.22 -12.98
N TYR E 175 -20.62 -28.89 -14.22
CA TYR E 175 -21.69 -27.95 -14.53
C TYR E 175 -22.87 -28.71 -15.10
N TRP E 176 -24.08 -28.18 -14.91
CA TRP E 176 -25.29 -28.76 -15.45
C TRP E 176 -26.01 -27.73 -16.30
N PHE E 177 -26.30 -28.08 -17.55
CA PHE E 177 -26.93 -27.18 -18.50
C PHE E 177 -28.27 -27.75 -18.93
N LEU E 178 -29.22 -26.84 -19.19
CA LEU E 178 -30.55 -27.20 -19.65
C LEU E 178 -30.92 -26.29 -20.82
N GLN E 179 -31.44 -26.90 -21.90
CA GLN E 179 -32.08 -26.13 -22.96
C GLN E 179 -33.48 -26.69 -23.17
N ARG E 180 -34.46 -25.80 -23.22
CA ARG E 180 -35.81 -26.18 -23.60
C ARG E 180 -35.91 -26.19 -25.12
N PRO E 181 -36.82 -26.98 -25.69
CA PRO E 181 -36.91 -27.05 -27.15
C PRO E 181 -37.17 -25.68 -27.77
N GLY E 182 -36.39 -25.36 -28.80
CA GLY E 182 -36.47 -24.05 -29.43
C GLY E 182 -35.84 -22.93 -28.65
N GLN E 183 -35.02 -23.23 -27.64
CA GLN E 183 -34.40 -22.21 -26.81
C GLN E 183 -32.93 -22.54 -26.61
N SER E 184 -32.13 -21.48 -26.44
CA SER E 184 -30.72 -21.65 -26.14
C SER E 184 -30.53 -22.19 -24.72
N PRO E 185 -29.46 -22.95 -24.48
CA PRO E 185 -29.24 -23.50 -23.14
C PRO E 185 -28.98 -22.42 -22.11
N GLN E 186 -29.36 -22.71 -20.87
CA GLN E 186 -29.12 -21.82 -19.74
C GLN E 186 -28.53 -22.63 -18.60
N LEU E 187 -27.71 -21.96 -17.78
CA LEU E 187 -27.05 -22.64 -16.68
C LEU E 187 -28.04 -22.99 -15.58
N LEU E 188 -27.91 -24.19 -15.02
CA LEU E 188 -28.77 -24.66 -13.95
C LEU E 188 -28.01 -24.86 -12.66
N ILE E 189 -26.95 -25.66 -12.66
CA ILE E 189 -26.13 -25.91 -11.47
C ILE E 189 -24.67 -25.84 -11.89
N TYR E 190 -23.89 -25.03 -11.19
CA TYR E 190 -22.47 -24.90 -11.45
C TYR E 190 -21.68 -25.38 -10.25
N ARG E 191 -20.57 -26.07 -10.51
CA ARG E 191 -19.69 -26.67 -9.51
C ARG E 191 -20.39 -27.77 -8.72
N MET E 192 -21.48 -28.32 -9.26
CA MET E 192 -22.13 -29.52 -8.75
C MET E 192 -22.78 -29.33 -7.39
N SER E 193 -22.64 -28.15 -6.81
CA SER E 193 -23.26 -27.90 -5.51
C SER E 193 -24.08 -26.62 -5.48
N ASN E 194 -23.63 -25.57 -6.16
CA ASN E 194 -24.30 -24.28 -6.08
C ASN E 194 -25.44 -24.20 -7.09
N LEU E 195 -26.28 -23.19 -6.91
CA LEU E 195 -27.41 -22.92 -7.80
C LEU E 195 -27.20 -21.58 -8.50
N ALA E 196 -27.40 -21.57 -9.81
CA ALA E 196 -27.27 -20.34 -10.57
C ALA E 196 -28.42 -19.38 -10.26
N SER E 197 -28.14 -18.08 -10.40
CA SER E 197 -29.17 -17.08 -10.17
C SER E 197 -30.26 -17.20 -11.24
N GLY E 198 -31.50 -16.98 -10.81
CA GLY E 198 -32.64 -17.14 -11.70
C GLY E 198 -33.15 -18.56 -11.82
N VAL E 199 -32.59 -19.49 -11.08
CA VAL E 199 -33.01 -20.89 -11.12
C VAL E 199 -33.80 -21.20 -9.85
N PRO E 200 -35.00 -21.78 -9.97
CA PRO E 200 -35.79 -22.09 -8.78
C PRO E 200 -35.09 -23.10 -7.87
N ASP E 201 -35.56 -23.14 -6.62
CA ASP E 201 -34.96 -24.00 -5.61
C ASP E 201 -35.24 -25.48 -5.83
N ARG E 202 -36.12 -25.82 -6.79
CA ARG E 202 -36.45 -27.22 -7.02
C ARG E 202 -35.23 -28.02 -7.45
N PHE E 203 -34.41 -27.46 -8.33
CA PHE E 203 -33.21 -28.15 -8.79
C PHE E 203 -32.17 -28.20 -7.68
N SER E 204 -31.47 -29.33 -7.58
CA SER E 204 -30.44 -29.51 -6.57
C SER E 204 -29.43 -30.53 -7.06
N GLY E 205 -28.14 -30.23 -6.88
CA GLY E 205 -27.08 -31.11 -7.29
C GLY E 205 -26.54 -31.96 -6.15
N SER E 206 -25.76 -32.97 -6.52
CA SER E 206 -25.17 -33.89 -5.55
C SER E 206 -23.97 -34.56 -6.21
N GLY E 207 -23.46 -35.61 -5.57
CA GLY E 207 -22.35 -36.38 -6.10
C GLY E 207 -21.01 -35.82 -5.66
N SER E 208 -19.99 -36.67 -5.80
CA SER E 208 -18.63 -36.30 -5.42
C SER E 208 -17.63 -37.20 -6.12
N GLY E 209 -16.56 -36.60 -6.63
CA GLY E 209 -15.47 -37.35 -7.24
C GLY E 209 -15.71 -37.77 -8.67
N THR E 210 -16.53 -38.79 -8.87
CA THR E 210 -16.81 -39.31 -10.21
C THR E 210 -18.29 -39.37 -10.52
N ALA E 211 -19.11 -39.79 -9.57
CA ALA E 211 -20.56 -39.88 -9.77
C ALA E 211 -21.20 -38.54 -9.44
N PHE E 212 -22.17 -38.14 -10.25
CA PHE E 212 -22.90 -36.90 -10.04
C PHE E 212 -24.37 -37.12 -10.33
N THR E 213 -25.23 -36.31 -9.71
CA THR E 213 -26.66 -36.47 -9.87
C THR E 213 -27.35 -35.14 -9.58
N LEU E 214 -28.16 -34.68 -10.52
CA LEU E 214 -28.97 -33.47 -10.35
C LEU E 214 -30.40 -33.89 -10.04
N THR E 215 -30.79 -33.75 -8.77
CA THR E 215 -32.11 -34.17 -8.32
C THR E 215 -33.10 -33.02 -8.47
N ILE E 216 -34.29 -33.34 -8.98
CA ILE E 216 -35.36 -32.37 -9.17
C ILE E 216 -36.55 -32.80 -8.35
N SER E 217 -37.06 -31.91 -7.52
CA SER E 217 -38.21 -32.16 -6.67
C SER E 217 -39.38 -31.29 -7.11
N ARG E 218 -40.57 -31.86 -7.16
CA ARG E 218 -41.78 -31.17 -7.60
C ARG E 218 -41.60 -30.60 -9.00
N LEU E 219 -41.42 -31.51 -9.96
CA LEU E 219 -41.14 -31.12 -11.33
C LEU E 219 -42.26 -30.28 -11.91
N GLU E 220 -41.89 -29.26 -12.67
CA GLU E 220 -42.83 -28.38 -13.35
C GLU E 220 -42.88 -28.72 -14.83
N ALA E 221 -43.97 -28.29 -15.48
CA ALA E 221 -44.16 -28.58 -16.89
C ALA E 221 -43.21 -27.81 -17.78
N GLU E 222 -42.59 -26.74 -17.28
CA GLU E 222 -41.69 -25.92 -18.07
C GLU E 222 -40.23 -26.36 -17.97
N ASP E 223 -39.95 -27.42 -17.23
CA ASP E 223 -38.58 -27.90 -17.04
C ASP E 223 -38.18 -29.01 -18.01
N VAL E 224 -39.06 -29.36 -18.95
CA VAL E 224 -38.75 -30.42 -19.91
C VAL E 224 -37.68 -29.94 -20.88
N GLY E 225 -36.86 -30.86 -21.33
CA GLY E 225 -35.79 -30.55 -22.25
C GLY E 225 -34.70 -31.62 -22.17
N VAL E 226 -33.47 -31.19 -22.48
CA VAL E 226 -32.31 -32.06 -22.50
C VAL E 226 -31.28 -31.49 -21.53
N TYR E 227 -30.64 -32.37 -20.75
CA TYR E 227 -29.68 -31.97 -19.74
C TYR E 227 -28.27 -32.35 -20.18
N TYR E 228 -27.35 -31.40 -20.13
CA TYR E 228 -25.96 -31.61 -20.49
C TYR E 228 -25.08 -31.26 -19.29
N CYS E 229 -24.13 -32.13 -18.97
CA CYS E 229 -23.21 -31.91 -17.87
C CYS E 229 -21.82 -31.62 -18.41
N MET E 230 -21.20 -30.56 -17.91
CA MET E 230 -19.89 -30.11 -18.35
C MET E 230 -18.84 -30.38 -17.27
N GLN E 231 -17.58 -30.45 -17.70
CA GLN E 231 -16.44 -30.36 -16.82
C GLN E 231 -15.63 -29.14 -17.17
N HIS E 232 -14.94 -28.58 -16.19
CA HIS E 232 -14.09 -27.41 -16.40
C HIS E 232 -12.72 -27.60 -15.78
N LEU E 233 -12.30 -28.86 -15.62
CA LEU E 233 -11.01 -29.15 -15.00
C LEU E 233 -9.87 -28.70 -15.90
N GLU E 234 -9.98 -28.95 -17.20
CA GLU E 234 -8.94 -28.55 -18.14
C GLU E 234 -9.51 -28.53 -19.54
N TYR E 235 -9.03 -27.59 -20.35
CA TYR E 235 -9.41 -27.55 -21.75
C TYR E 235 -8.76 -28.74 -22.49
N PRO E 236 -9.45 -29.28 -23.50
CA PRO E 236 -10.77 -28.86 -23.99
C PRO E 236 -11.92 -29.31 -23.12
N LEU E 237 -13.00 -28.54 -23.12
CA LEU E 237 -14.20 -28.88 -22.37
C LEU E 237 -15.00 -29.94 -23.12
N THR E 238 -15.51 -30.93 -22.41
CA THR E 238 -16.29 -32.00 -23.00
C THR E 238 -17.71 -31.97 -22.43
N PHE E 239 -18.67 -32.32 -23.26
CA PHE E 239 -20.07 -32.35 -22.85
C PHE E 239 -20.55 -33.80 -22.72
N GLY E 240 -21.70 -33.96 -22.07
CA GLY E 240 -22.34 -35.25 -22.01
C GLY E 240 -23.10 -35.57 -23.28
N ALA E 241 -23.56 -36.82 -23.36
CA ALA E 241 -24.32 -37.26 -24.53
C ALA E 241 -25.68 -36.56 -24.62
N GLY E 242 -26.20 -36.07 -23.51
CA GLY E 242 -27.48 -35.38 -23.52
C GLY E 242 -28.63 -36.24 -23.05
N THR E 243 -29.06 -36.02 -21.81
CA THR E 243 -30.19 -36.75 -21.24
C THR E 243 -31.46 -35.92 -21.45
N LYS E 244 -32.40 -36.46 -22.21
CA LYS E 244 -33.65 -35.77 -22.54
C LYS E 244 -34.76 -36.28 -21.64
N LEU E 245 -35.42 -35.36 -20.94
CA LEU E 245 -36.52 -35.68 -20.04
C LEU E 245 -37.82 -35.27 -20.72
N GLU E 246 -38.48 -36.22 -21.36
CA GLU E 246 -39.74 -35.96 -22.05
C GLU E 246 -40.92 -36.18 -21.11
N LEU E 247 -42.03 -35.55 -21.44
CA LEU E 247 -43.25 -35.68 -20.64
C LEU E 247 -43.79 -37.10 -20.74
N LYS E 248 -44.42 -37.56 -19.66
CA LYS E 248 -45.00 -38.89 -19.57
C LYS E 248 -43.95 -39.98 -19.84
#